data_5EZR
#
_entry.id   5EZR
#
_cell.length_a   191.103
_cell.length_b   117.967
_cell.length_c   68.162
_cell.angle_alpha   90.000
_cell.angle_beta   95.170
_cell.angle_gamma   90.000
#
_symmetry.space_group_name_H-M   'C 1 2 1'
#
loop_
_entity.id
_entity.type
_entity.pdbx_description
1 polymer 'cGMP-dependent protein kinase, putative'
2 non-polymer N-[5-(3-{2-[(cyclopropylmethyl)amino]pyrimidin-4-yl}-7-[(dimethylamino)methyl]-6-methylimidazo[1,2-a]pyridin-2-yl)-2-fluorophenyl]methanesulfonamide
3 non-polymer 'CHLORIDE ION'
4 water water
#
_entity_poly.entity_id   1
_entity_poly.type   'polypeptide(L)'
_entity_poly.pdbx_seq_one_letter_code
;MRCNERNKKKAIFSNDDFSGEDTLMEDHLQLREKLSEDIEMIKASLKNNLVCSTLNDNEILTLSNYMQFFVFKGGDLVIK
QGEKGSYFFIINSGKFDVYVNDKKVKSMGKGSSFGEAALIHNTQRSATIMAETDGTLWGVQRSTFRATLKQLSNRNFNEN
RSFIDSVSVFDMLTEAQKNMITNACVIQMFKPGETIVKQGDYGDVLFILKEGKATVFINDKEIRVLNKGSYFGERALLYD
EPRSATIIAKEPTACASICRKLLNIVLGNLQVVLFRNIMTEALQQSEIFRQFSAEQLNDLADTAIVRDYPANYHILHKDK
VKSVKYLIVLEGKVELFLDDESIGILTRGKSFGDQYVLNQKQKFRHTVKSLDVCKIALITESCLADCLGDNNIDASIDHN
NKKSIIKKMYIFRYLSEQQCNLLIEAFRTTRYEEGDYIIQEGEVGSRFYIIKNGEVEVTKNGKRLRTLGKNDYFGERALL
YDEPRTASIISKATSVECWFVDKSVFLQIIQGPMLTHLEERIKMQDTKVEMHELETERIIGRGTFGTVKLVHHKPTQIRY
ALKCVSKRSIISLNQQNNIKLEREITAENDHPFIIRLVRTFKDSNCFYFLTELVTGGELYDAIRKLGLLSKPQAQFYLGS
IILAIEYLHERNIVYRDLKPENILLDKQGYVKLIDFGCAKKIQGRAYTLVGTPHYMAPEVILGKGYGCTVDIWALGVCLY
EFICGPLPFGNDQEDQLEIFRDILTGQLTFPDYVSDQDSINLMKRLLCRLPQGRIGCSINGFKDIKEHAFFGNFNWDKLA
GRLLEPPLVSKGETYAEDIDIKQIEEEDALNEGEPLDGDDSWDVDF
;
_entity_poly.pdbx_strand_id   A
#
# COMPACT_ATOMS: atom_id res chain seq x y z
N ARG A 2 28.82 35.85 44.91
CA ARG A 2 27.93 36.47 43.88
C ARG A 2 28.44 36.24 42.45
N CYS A 3 27.88 35.23 41.77
CA CYS A 3 28.23 34.91 40.37
C CYS A 3 27.53 35.88 39.42
N ASN A 4 28.30 36.41 38.45
CA ASN A 4 27.81 37.42 37.49
C ASN A 4 27.63 36.86 36.06
N GLU A 5 26.73 35.89 35.92
CA GLU A 5 26.48 35.22 34.64
C GLU A 5 25.68 36.12 33.68
N LYS A 8 22.17 35.14 33.21
CA LYS A 8 20.95 35.09 34.00
C LYS A 8 20.18 33.78 33.78
N LYS A 9 19.61 33.24 34.86
CA LYS A 9 18.81 32.00 34.82
C LYS A 9 17.34 32.32 34.49
N LYS A 10 16.88 31.86 33.32
CA LYS A 10 15.51 32.13 32.84
C LYS A 10 14.47 31.24 33.53
N ALA A 11 13.22 31.68 33.49
CA ALA A 11 12.14 31.10 34.30
C ALA A 11 11.32 30.04 33.57
N ILE A 12 10.72 29.15 34.36
CA ILE A 12 9.90 28.04 33.88
C ILE A 12 8.44 28.47 33.72
N PHE A 13 7.74 27.86 32.77
CA PHE A 13 6.28 27.97 32.64
C PHE A 13 5.70 26.54 32.55
N GLY A 20 -9.41 23.09 28.51
CA GLY A 20 -10.37 23.95 29.18
C GLY A 20 -11.49 23.14 29.81
N GLU A 21 -12.17 22.35 28.97
CA GLU A 21 -13.26 21.47 29.42
C GLU A 21 -12.76 20.23 30.19
N ASP A 22 -11.47 19.89 30.03
CA ASP A 22 -10.83 18.79 30.78
C ASP A 22 -10.39 19.16 32.21
N THR A 23 -10.47 20.44 32.57
CA THR A 23 -10.09 20.91 33.91
C THR A 23 -11.13 20.57 34.98
N LEU A 24 -12.41 20.81 34.65
CA LEU A 24 -13.51 20.69 35.63
C LEU A 24 -13.77 19.25 36.10
N MET A 25 -13.44 18.26 35.28
CA MET A 25 -13.69 16.86 35.62
C MET A 25 -12.81 16.32 36.74
N GLU A 26 -11.56 16.79 36.81
CA GLU A 26 -10.64 16.40 37.89
C GLU A 26 -11.23 16.69 39.29
N ASP A 27 -11.99 17.79 39.40
CA ASP A 27 -12.68 18.16 40.65
C ASP A 27 -13.68 17.10 41.13
N HIS A 28 -14.36 16.45 40.19
CA HIS A 28 -15.46 15.52 40.50
C HIS A 28 -15.02 14.05 40.64
N LEU A 29 -13.79 13.72 40.24
CA LEU A 29 -13.31 12.33 40.25
C LEU A 29 -13.09 11.80 41.67
N GLN A 30 -13.35 10.51 41.89
CA GLN A 30 -13.17 9.87 43.19
C GLN A 30 -13.12 8.35 43.05
N LEU A 31 -11.95 7.76 43.26
CA LEU A 31 -11.71 6.30 43.08
C LEU A 31 -12.77 5.45 43.78
N ARG A 32 -13.29 4.44 43.08
CA ARG A 32 -14.44 3.65 43.54
C ARG A 32 -14.37 2.24 42.96
N GLU A 33 -14.12 1.25 43.82
CA GLU A 33 -14.05 -0.17 43.42
C GLU A 33 -15.39 -0.62 42.83
N LYS A 34 -15.38 -1.00 41.56
CA LYS A 34 -16.60 -1.30 40.80
C LYS A 34 -17.21 -2.63 41.22
N LEU A 35 -18.53 -2.64 41.41
CA LEU A 35 -19.28 -3.85 41.76
C LEU A 35 -19.47 -4.76 40.55
N SER A 36 -20.12 -5.91 40.76
CA SER A 36 -20.47 -6.84 39.68
C SER A 36 -21.41 -6.18 38.65
N GLU A 37 -22.50 -5.58 39.15
CA GLU A 37 -23.53 -4.99 38.29
C GLU A 37 -23.20 -3.58 37.74
N ASP A 38 -22.09 -2.99 38.19
CA ASP A 38 -21.54 -1.78 37.53
C ASP A 38 -20.97 -2.14 36.15
N ILE A 39 -20.19 -3.24 36.10
CA ILE A 39 -19.57 -3.73 34.87
C ILE A 39 -20.62 -4.16 33.84
N GLU A 40 -21.72 -4.76 34.30
CA GLU A 40 -22.80 -5.22 33.41
C GLU A 40 -23.64 -4.06 32.85
N MET A 41 -23.75 -2.95 33.58
CA MET A 41 -24.39 -1.73 33.06
C MET A 41 -23.50 -1.06 32.00
N ILE A 42 -22.20 -0.98 32.28
CA ILE A 42 -21.22 -0.42 31.35
C ILE A 42 -21.06 -1.33 30.11
N LYS A 43 -21.12 -2.64 30.32
CA LYS A 43 -21.12 -3.62 29.22
C LYS A 43 -22.33 -3.47 28.29
N ALA A 44 -23.50 -3.15 28.86
CA ALA A 44 -24.73 -2.91 28.08
C ALA A 44 -24.76 -1.53 27.41
N SER A 45 -24.22 -0.51 28.10
CA SER A 45 -24.21 0.87 27.57
C SER A 45 -23.19 1.06 26.44
N LEU A 46 -21.99 0.50 26.62
CA LEU A 46 -20.93 0.58 25.60
C LEU A 46 -21.33 -0.15 24.32
N LYS A 47 -21.98 -1.32 24.44
CA LYS A 47 -22.47 -2.05 23.24
C LYS A 47 -23.51 -1.30 22.39
N ASN A 48 -24.18 -0.30 22.98
CA ASN A 48 -25.04 0.63 22.24
C ASN A 48 -24.30 1.79 21.57
N ASN A 49 -23.02 1.96 21.89
CA ASN A 49 -22.18 3.02 21.30
C ASN A 49 -21.85 2.76 19.84
N LEU A 50 -21.69 3.84 19.09
CA LEU A 50 -21.34 3.81 17.67
C LEU A 50 -20.01 3.09 17.37
N VAL A 51 -19.00 3.28 18.21
CA VAL A 51 -17.68 2.70 18.01
C VAL A 51 -17.54 1.29 18.63
N CYS A 52 -18.12 1.09 19.80
CA CYS A 52 -17.83 -0.10 20.62
C CYS A 52 -18.70 -1.34 20.35
N SER A 53 -19.73 -1.23 19.52
CA SER A 53 -20.62 -2.38 19.21
C SER A 53 -19.91 -3.51 18.45
N THR A 54 -18.96 -3.15 17.60
CA THR A 54 -18.12 -4.14 16.90
C THR A 54 -17.23 -4.97 17.83
N LEU A 55 -16.87 -4.42 19.00
CA LEU A 55 -15.99 -5.08 19.95
C LEU A 55 -16.66 -6.26 20.66
N ASN A 56 -15.84 -7.13 21.24
CA ASN A 56 -16.31 -8.30 21.99
C ASN A 56 -16.18 -8.08 23.50
N ASP A 57 -16.64 -9.05 24.29
CA ASP A 57 -16.70 -8.93 25.77
C ASP A 57 -15.32 -8.74 26.44
N ASN A 58 -14.27 -9.35 25.87
CA ASN A 58 -12.91 -9.21 26.41
C ASN A 58 -12.33 -7.81 26.20
N GLU A 59 -12.81 -7.10 25.17
CA GLU A 59 -12.35 -5.75 24.83
C GLU A 59 -13.13 -4.66 25.55
N ILE A 60 -14.45 -4.87 25.70
CA ILE A 60 -15.33 -3.86 26.32
C ILE A 60 -15.15 -3.81 27.85
N LEU A 61 -14.85 -4.96 28.46
CA LEU A 61 -14.48 -5.02 29.87
C LEU A 61 -13.19 -4.24 30.18
N THR A 62 -12.24 -4.26 29.24
CA THR A 62 -11.00 -3.48 29.37
C THR A 62 -11.27 -1.97 29.30
N LEU A 63 -12.12 -1.57 28.35
CA LEU A 63 -12.59 -0.17 28.28
C LEU A 63 -13.38 0.21 29.54
N SER A 64 -14.10 -0.77 30.10
CA SER A 64 -14.81 -0.60 31.38
C SER A 64 -13.88 -0.28 32.55
N ASN A 65 -12.75 -0.98 32.68
CA ASN A 65 -11.78 -0.73 33.76
C ASN A 65 -11.13 0.66 33.73
N TYR A 66 -11.02 1.25 32.53
CA TYR A 66 -10.50 2.62 32.37
C TYR A 66 -11.55 3.71 32.58
N MET A 67 -12.83 3.34 32.72
CA MET A 67 -13.87 4.28 33.10
C MET A 67 -13.64 4.77 34.53
N GLN A 68 -13.94 6.05 34.75
CA GLN A 68 -13.74 6.71 36.05
C GLN A 68 -15.09 7.08 36.66
N PHE A 69 -15.26 6.84 37.97
CA PHE A 69 -16.46 7.31 38.70
C PHE A 69 -16.34 8.80 39.01
N PHE A 70 -17.47 9.51 38.96
CA PHE A 70 -17.54 10.95 39.24
C PHE A 70 -18.69 11.24 40.21
N VAL A 71 -18.60 12.36 40.92
CA VAL A 71 -19.58 12.77 41.93
C VAL A 71 -20.05 14.20 41.64
N PHE A 72 -21.38 14.41 41.62
CA PHE A 72 -22.00 15.73 41.43
C PHE A 72 -23.07 16.01 42.49
N LYS A 73 -23.51 17.27 42.54
CA LYS A 73 -24.73 17.68 43.24
C LYS A 73 -25.62 18.43 42.23
N GLY A 74 -26.93 18.42 42.48
CA GLY A 74 -27.91 19.01 41.55
C GLY A 74 -27.68 20.49 41.26
N GLY A 75 -28.01 20.91 40.04
CA GLY A 75 -27.83 22.30 39.60
C GLY A 75 -26.44 22.68 39.08
N ASP A 76 -25.54 21.69 38.94
CA ASP A 76 -24.16 21.92 38.45
C ASP A 76 -24.05 21.84 36.92
N LEU A 77 -22.98 22.44 36.40
CA LEU A 77 -22.61 22.34 34.98
C LEU A 77 -21.97 20.97 34.71
N VAL A 78 -22.08 20.50 33.47
CA VAL A 78 -21.42 19.28 33.01
C VAL A 78 -20.59 19.54 31.74
N ILE A 79 -21.19 20.14 30.71
CA ILE A 79 -20.47 20.51 29.49
C ILE A 79 -21.12 21.70 28.78
N LYS A 80 -20.32 22.73 28.47
CA LYS A 80 -20.83 23.94 27.81
C LYS A 80 -20.95 23.76 26.28
N GLN A 81 -21.65 24.68 25.63
CA GLN A 81 -21.82 24.67 24.17
C GLN A 81 -20.61 25.29 23.47
N GLY A 82 -20.33 24.83 22.25
CA GLY A 82 -19.20 25.31 21.45
C GLY A 82 -17.82 25.03 22.04
N GLU A 83 -17.74 24.06 22.95
CA GLU A 83 -16.51 23.78 23.71
C GLU A 83 -15.58 22.82 22.96
N LYS A 84 -14.36 22.70 23.48
CA LYS A 84 -13.47 21.61 23.09
C LYS A 84 -14.01 20.33 23.71
N GLY A 85 -14.55 19.44 22.88
CA GLY A 85 -15.04 18.13 23.32
C GLY A 85 -13.92 17.22 23.75
N SER A 86 -14.20 16.32 24.69
CA SER A 86 -13.16 15.48 25.31
C SER A 86 -13.69 14.25 26.06
N TYR A 87 -14.74 14.43 26.86
CA TYR A 87 -15.32 13.33 27.65
C TYR A 87 -16.60 12.76 27.04
N PHE A 88 -16.88 11.51 27.42
CA PHE A 88 -18.12 10.81 27.10
C PHE A 88 -18.60 10.14 28.38
N PHE A 89 -19.91 10.21 28.65
CA PHE A 89 -20.46 9.77 29.94
C PHE A 89 -21.58 8.75 29.83
N ILE A 90 -21.70 7.94 30.87
CA ILE A 90 -22.83 7.05 31.09
C ILE A 90 -23.37 7.39 32.49
N ILE A 91 -24.68 7.64 32.58
CA ILE A 91 -25.31 8.07 33.83
C ILE A 91 -25.55 6.88 34.80
N ASN A 92 -25.14 7.06 36.06
CA ASN A 92 -25.20 5.99 37.07
C ASN A 92 -26.34 6.12 38.11
N SER A 93 -26.75 7.35 38.43
CA SER A 93 -27.88 7.57 39.36
C SER A 93 -28.53 8.95 39.21
N GLY A 94 -29.77 9.03 39.69
CA GLY A 94 -30.55 10.28 39.67
C GLY A 94 -31.10 10.60 38.30
N LYS A 95 -30.94 11.85 37.87
CA LYS A 95 -31.41 12.30 36.56
C LYS A 95 -30.67 13.57 36.12
N PHE A 96 -30.49 13.72 34.80
CA PHE A 96 -29.84 14.88 34.19
C PHE A 96 -30.75 15.47 33.11
N ASP A 97 -30.39 16.63 32.57
CA ASP A 97 -31.23 17.33 31.57
C ASP A 97 -30.43 18.24 30.63
N VAL A 98 -30.89 18.31 29.38
CA VAL A 98 -30.14 18.95 28.28
C VAL A 98 -30.59 20.40 28.09
N TYR A 99 -29.76 21.23 27.45
CA TYR A 99 -30.13 22.59 27.07
C TYR A 99 -29.49 22.99 25.72
N VAL A 100 -30.34 23.26 24.73
CA VAL A 100 -29.91 23.70 23.39
C VAL A 100 -30.27 25.19 23.20
N ASN A 101 -29.25 26.05 23.20
CA ASN A 101 -29.40 27.52 23.27
C ASN A 101 -30.20 27.96 24.51
N ASP A 102 -29.89 27.34 25.65
CA ASP A 102 -30.61 27.52 26.93
C ASP A 102 -32.12 27.23 26.85
N LYS A 103 -32.48 26.20 26.08
CA LYS A 103 -33.88 25.78 25.87
C LYS A 103 -34.01 24.27 26.09
N LYS A 104 -34.49 23.87 27.28
CA LYS A 104 -34.49 22.47 27.72
C LYS A 104 -35.21 21.53 26.75
N VAL A 105 -34.59 20.36 26.49
CA VAL A 105 -35.08 19.41 25.49
C VAL A 105 -35.45 18.06 26.11
N LYS A 106 -34.46 17.38 26.71
CA LYS A 106 -34.63 15.99 27.19
C LYS A 106 -34.30 15.81 28.67
N SER A 107 -34.63 14.62 29.17
CA SER A 107 -34.31 14.19 30.54
C SER A 107 -33.72 12.79 30.50
N MET A 108 -32.65 12.56 31.27
CA MET A 108 -31.85 11.32 31.19
C MET A 108 -31.55 10.74 32.57
N GLY A 109 -32.08 9.54 32.84
CA GLY A 109 -31.84 8.84 34.10
C GLY A 109 -30.73 7.80 34.01
N LYS A 110 -30.81 6.78 34.85
CA LYS A 110 -29.81 5.71 34.92
C LYS A 110 -29.92 4.77 33.72
N GLY A 111 -28.83 4.66 32.95
CA GLY A 111 -28.78 3.85 31.72
C GLY A 111 -28.34 4.66 30.51
N SER A 112 -28.85 5.89 30.41
CA SER A 112 -28.59 6.77 29.25
C SER A 112 -27.13 7.25 29.15
N SER A 113 -26.67 7.48 27.92
CA SER A 113 -25.32 7.98 27.62
C SER A 113 -25.37 9.28 26.83
N PHE A 114 -24.33 10.11 26.96
CA PHE A 114 -24.25 11.36 26.20
C PHE A 114 -22.80 11.84 26.00
N GLY A 115 -22.59 12.64 24.95
CA GLY A 115 -21.26 13.14 24.60
C GLY A 115 -20.37 12.16 23.83
N GLU A 116 -20.98 11.34 22.96
CA GLU A 116 -20.24 10.34 22.17
C GLU A 116 -19.38 10.94 21.05
N ALA A 117 -19.81 12.04 20.46
CA ALA A 117 -19.08 12.71 19.37
C ALA A 117 -17.63 13.05 19.72
N ALA A 118 -17.37 13.35 20.99
CA ALA A 118 -16.02 13.68 21.45
C ALA A 118 -15.04 12.51 21.37
N LEU A 119 -15.54 11.27 21.47
CA LEU A 119 -14.69 10.07 21.33
C LEU A 119 -14.04 9.94 19.94
N ILE A 120 -14.79 10.28 18.89
CA ILE A 120 -14.26 10.22 17.53
C ILE A 120 -13.24 11.35 17.33
N HIS A 121 -13.67 12.59 17.50
CA HIS A 121 -12.84 13.77 17.27
C HIS A 121 -13.39 15.00 18.03
N ASN A 122 -12.50 15.91 18.42
CA ASN A 122 -12.94 17.16 19.09
C ASN A 122 -13.73 18.06 18.13
N THR A 123 -15.05 18.02 18.29
CA THR A 123 -15.98 18.92 17.59
C THR A 123 -16.62 19.85 18.62
N GLN A 124 -17.19 20.95 18.14
CA GLN A 124 -17.91 21.89 19.00
C GLN A 124 -19.14 21.20 19.60
N ARG A 125 -19.27 21.25 20.92
CA ARG A 125 -20.42 20.64 21.61
C ARG A 125 -21.71 21.33 21.17
N SER A 126 -22.74 20.55 20.87
CA SER A 126 -24.03 21.10 20.46
C SER A 126 -24.78 21.66 21.67
N ALA A 127 -25.11 20.77 22.60
CA ALA A 127 -25.99 21.09 23.73
C ALA A 127 -25.20 21.28 25.04
N THR A 128 -25.92 21.43 26.15
CA THR A 128 -25.34 21.49 27.48
C THR A 128 -26.17 20.69 28.48
N ILE A 129 -25.60 19.58 28.94
CA ILE A 129 -26.24 18.74 29.95
C ILE A 129 -26.11 19.40 31.33
N MET A 130 -27.14 19.21 32.16
CA MET A 130 -27.21 19.76 33.52
C MET A 130 -27.75 18.69 34.47
N ALA A 131 -27.54 18.90 35.77
CA ALA A 131 -27.96 17.95 36.81
C ALA A 131 -29.27 18.38 37.47
N GLU A 132 -30.28 17.51 37.41
CA GLU A 132 -31.55 17.73 38.10
C GLU A 132 -31.34 17.54 39.61
N THR A 133 -30.95 16.32 40.01
CA THR A 133 -30.70 15.96 41.41
C THR A 133 -29.22 15.64 41.60
N ASP A 134 -28.84 15.28 42.82
CA ASP A 134 -27.48 14.78 43.10
C ASP A 134 -27.32 13.39 42.49
N GLY A 135 -26.65 13.32 41.34
CA GLY A 135 -26.47 12.08 40.58
C GLY A 135 -25.05 11.90 40.07
N THR A 136 -24.64 10.65 39.90
CA THR A 136 -23.25 10.29 39.56
C THR A 136 -23.10 9.78 38.12
N LEU A 137 -21.88 9.87 37.60
CA LEU A 137 -21.55 9.49 36.22
C LEU A 137 -20.28 8.63 36.15
N TRP A 138 -20.29 7.64 35.26
CA TRP A 138 -19.06 6.99 34.78
C TRP A 138 -18.60 7.74 33.52
N GLY A 139 -17.29 7.85 33.31
CA GLY A 139 -16.76 8.60 32.17
C GLY A 139 -15.33 8.29 31.74
N VAL A 140 -14.97 8.79 30.56
CA VAL A 140 -13.66 8.53 29.95
C VAL A 140 -13.31 9.57 28.87
N GLN A 141 -12.02 9.88 28.76
CA GLN A 141 -11.51 10.85 27.76
C GLN A 141 -11.29 10.20 26.39
N ARG A 142 -11.15 11.04 25.36
CA ARG A 142 -10.82 10.58 24.01
C ARG A 142 -9.43 9.95 24.01
N SER A 143 -8.44 10.74 24.41
CA SER A 143 -7.04 10.31 24.47
C SER A 143 -6.88 8.90 25.01
N THR A 144 -7.56 8.65 26.14
CA THR A 144 -7.50 7.36 26.82
C THR A 144 -8.26 6.26 26.07
N PHE A 145 -9.47 6.60 25.60
CA PHE A 145 -10.30 5.69 24.83
C PHE A 145 -9.60 5.21 23.54
N ARG A 146 -9.12 6.19 22.75
CA ARG A 146 -8.40 5.92 21.49
C ARG A 146 -7.10 5.13 21.69
N ALA A 147 -6.37 5.46 22.75
CA ALA A 147 -5.15 4.75 23.10
C ALA A 147 -5.41 3.34 23.62
N THR A 148 -6.54 3.14 24.30
CA THR A 148 -6.92 1.82 24.79
C THR A 148 -7.25 0.91 23.59
N LEU A 149 -8.05 1.42 22.66
CA LEU A 149 -8.34 0.74 21.40
C LEU A 149 -7.07 0.45 20.60
N LYS A 150 -6.18 1.45 20.51
CA LYS A 150 -4.91 1.29 19.82
C LYS A 150 -4.09 0.14 20.39
N GLN A 151 -3.86 0.14 21.71
CA GLN A 151 -3.00 -0.87 22.34
C GLN A 151 -3.64 -2.24 22.46
N LEU A 152 -4.97 -2.30 22.52
CA LEU A 152 -5.64 -3.61 22.52
C LEU A 152 -5.48 -4.30 21.18
N SER A 153 -5.84 -3.59 20.10
CA SER A 153 -5.75 -4.13 18.74
C SER A 153 -4.31 -4.38 18.29
N ASN A 154 -3.40 -3.51 18.71
CA ASN A 154 -1.97 -3.62 18.37
C ASN A 154 -1.28 -4.82 19.04
N ARG A 155 -1.65 -5.10 20.28
CA ARG A 155 -1.13 -6.26 21.01
C ARG A 155 -1.70 -7.55 20.43
N ASN A 156 -2.97 -7.50 20.01
CA ASN A 156 -3.63 -8.62 19.34
C ASN A 156 -2.92 -8.97 18.03
N PHE A 157 -2.58 -7.94 17.26
CA PHE A 157 -1.85 -8.08 16.00
C PHE A 157 -0.49 -8.74 16.24
N ASN A 158 0.27 -8.19 17.18
CA ASN A 158 1.62 -8.71 17.47
C ASN A 158 1.60 -10.11 18.06
N GLU A 159 0.61 -10.40 18.90
CA GLU A 159 0.44 -11.74 19.45
C GLU A 159 0.13 -12.76 18.37
N ASN A 160 -0.87 -12.45 17.55
CA ASN A 160 -1.22 -13.28 16.39
C ASN A 160 -0.06 -13.46 15.39
N ARG A 161 0.76 -12.43 15.21
CA ARG A 161 1.93 -12.53 14.33
C ARG A 161 2.97 -13.54 14.85
N SER A 162 3.21 -13.58 16.15
CA SER A 162 4.14 -14.59 16.73
C SER A 162 3.63 -16.02 16.54
N PHE A 163 2.33 -16.19 16.69
CA PHE A 163 1.63 -17.43 16.34
C PHE A 163 1.92 -17.83 14.87
N ILE A 164 1.82 -16.89 13.95
CA ILE A 164 2.20 -17.15 12.55
C ILE A 164 3.68 -17.55 12.47
N ASP A 165 4.55 -16.80 13.16
CA ASP A 165 5.99 -17.06 13.15
C ASP A 165 6.42 -18.40 13.78
N SER A 166 5.62 -18.92 14.71
CA SER A 166 5.93 -20.18 15.39
C SER A 166 5.37 -21.42 14.66
N VAL A 167 4.39 -21.25 13.78
CA VAL A 167 3.87 -22.36 12.97
C VAL A 167 4.83 -22.58 11.78
N SER A 168 5.26 -23.83 11.59
N SER A 168 5.27 -23.83 11.60
CA SER A 168 6.29 -24.16 10.60
CA SER A 168 6.30 -24.15 10.60
C SER A 168 5.81 -24.01 9.16
C SER A 168 5.81 -24.05 9.15
N VAL A 169 4.54 -24.34 8.90
CA VAL A 169 3.97 -24.29 7.55
C VAL A 169 3.95 -22.88 6.92
N PHE A 170 4.01 -21.82 7.75
CA PHE A 170 4.12 -20.45 7.27
C PHE A 170 5.55 -19.92 7.14
N ASP A 171 6.56 -20.74 7.42
CA ASP A 171 7.97 -20.26 7.45
C ASP A 171 8.43 -19.60 6.15
N MET A 172 7.97 -20.13 5.00
CA MET A 172 8.40 -19.63 3.69
C MET A 172 7.52 -18.53 3.07
N LEU A 173 6.49 -18.08 3.79
CA LEU A 173 5.78 -16.87 3.42
C LEU A 173 6.71 -15.65 3.60
N THR A 174 6.56 -14.67 2.71
CA THR A 174 7.27 -13.39 2.82
C THR A 174 6.67 -12.56 3.97
N GLU A 175 7.38 -11.49 4.32
CA GLU A 175 6.91 -10.54 5.35
C GLU A 175 5.50 -10.03 5.07
N ALA A 176 5.31 -9.54 3.85
CA ALA A 176 4.02 -8.98 3.44
C ALA A 176 2.92 -10.01 3.49
N GLN A 177 3.23 -11.24 3.08
CA GLN A 177 2.27 -12.35 3.12
C GLN A 177 1.89 -12.75 4.55
N LYS A 178 2.85 -12.66 5.47
CA LYS A 178 2.60 -12.95 6.88
C LYS A 178 1.72 -11.91 7.55
N ASN A 179 1.97 -10.63 7.28
CA ASN A 179 1.13 -9.57 7.85
C ASN A 179 -0.29 -9.58 7.33
N MET A 180 -0.49 -10.02 6.09
CA MET A 180 -1.83 -10.08 5.52
C MET A 180 -2.67 -11.17 6.16
N ILE A 181 -2.07 -12.34 6.41
CA ILE A 181 -2.79 -13.44 7.07
C ILE A 181 -2.91 -13.27 8.58
N THR A 182 -2.02 -12.48 9.17
CA THR A 182 -2.15 -12.09 10.59
C THR A 182 -3.54 -11.49 10.85
N ASN A 183 -3.99 -10.61 9.96
CA ASN A 183 -5.34 -10.02 10.04
C ASN A 183 -6.49 -11.00 9.84
N ALA A 184 -6.24 -12.16 9.23
CA ALA A 184 -7.25 -13.22 9.11
C ALA A 184 -7.42 -14.09 10.37
N CYS A 185 -6.57 -13.89 11.39
CA CYS A 185 -6.68 -14.62 12.66
C CYS A 185 -7.94 -14.25 13.42
N VAL A 186 -8.65 -15.28 13.87
CA VAL A 186 -9.88 -15.14 14.63
C VAL A 186 -9.55 -15.74 16.00
N ILE A 187 -9.92 -15.02 17.07
CA ILE A 187 -9.71 -15.50 18.44
C ILE A 187 -10.99 -16.22 18.87
N GLN A 188 -10.83 -17.46 19.32
CA GLN A 188 -11.97 -18.30 19.70
C GLN A 188 -11.78 -18.75 21.15
N MET A 189 -12.84 -18.61 21.94
CA MET A 189 -12.82 -18.95 23.36
C MET A 189 -13.46 -20.31 23.56
N PHE A 190 -12.89 -21.08 24.49
CA PHE A 190 -13.42 -22.40 24.84
C PHE A 190 -13.48 -22.57 26.35
N LYS A 191 -14.65 -22.97 26.85
CA LYS A 191 -14.87 -23.26 28.27
C LYS A 191 -14.29 -24.63 28.63
N PRO A 192 -14.14 -24.93 29.94
CA PRO A 192 -13.79 -26.27 30.40
C PRO A 192 -14.71 -27.37 29.86
N GLY A 193 -14.12 -28.39 29.23
CA GLY A 193 -14.87 -29.51 28.67
C GLY A 193 -15.34 -29.37 27.24
N GLU A 194 -15.19 -28.19 26.64
CA GLU A 194 -15.52 -28.00 25.22
C GLU A 194 -14.48 -28.69 24.33
N THR A 195 -14.97 -29.47 23.35
CA THR A 195 -14.13 -30.12 22.35
C THR A 195 -13.81 -29.09 21.27
N ILE A 196 -12.51 -28.87 21.03
CA ILE A 196 -12.05 -27.89 20.04
C ILE A 196 -12.14 -28.48 18.63
N VAL A 197 -11.62 -29.70 18.46
CA VAL A 197 -11.79 -30.49 17.22
C VAL A 197 -12.09 -31.94 17.59
N LYS A 198 -12.89 -32.61 16.76
CA LYS A 198 -13.25 -34.02 16.98
C LYS A 198 -12.49 -34.91 16.02
N GLN A 199 -11.94 -36.02 16.54
CA GLN A 199 -11.31 -37.04 15.70
C GLN A 199 -12.25 -37.48 14.58
N GLY A 200 -11.71 -37.56 13.35
CA GLY A 200 -12.48 -37.99 12.18
C GLY A 200 -13.16 -36.89 11.39
N ASP A 201 -13.38 -35.72 12.00
CA ASP A 201 -13.94 -34.55 11.31
C ASP A 201 -12.94 -34.02 10.30
N TYR A 202 -13.41 -33.70 9.10
CA TYR A 202 -12.58 -33.11 8.07
C TYR A 202 -12.50 -31.59 8.27
N GLY A 203 -11.71 -31.18 9.26
CA GLY A 203 -11.58 -29.78 9.63
C GLY A 203 -10.68 -29.04 8.66
N ASP A 204 -10.82 -27.71 8.65
CA ASP A 204 -10.03 -26.82 7.78
C ASP A 204 -9.51 -25.60 8.55
N VAL A 205 -9.10 -25.82 9.81
CA VAL A 205 -8.70 -24.73 10.71
C VAL A 205 -7.47 -25.07 11.55
N LEU A 206 -6.48 -24.19 11.51
CA LEU A 206 -5.32 -24.23 12.42
C LEU A 206 -5.70 -23.54 13.72
N PHE A 207 -5.26 -24.08 14.85
CA PHE A 207 -5.44 -23.48 16.19
C PHE A 207 -4.10 -23.36 16.91
N ILE A 208 -4.01 -22.38 17.84
CA ILE A 208 -2.92 -22.32 18.83
C ILE A 208 -3.48 -21.95 20.21
N LEU A 209 -2.80 -22.40 21.26
CA LEU A 209 -3.13 -21.96 22.62
C LEU A 209 -2.34 -20.68 22.94
N LYS A 210 -3.05 -19.56 23.02
CA LYS A 210 -2.47 -18.28 23.49
C LYS A 210 -2.37 -18.27 25.02
N GLU A 211 -3.43 -18.76 25.68
CA GLU A 211 -3.44 -18.92 27.13
C GLU A 211 -4.40 -20.05 27.56
N GLY A 212 -3.88 -21.00 28.34
CA GLY A 212 -4.68 -22.09 28.92
C GLY A 212 -4.07 -23.46 28.76
N LYS A 213 -4.92 -24.49 28.80
CA LYS A 213 -4.50 -25.90 28.65
C LYS A 213 -5.61 -26.73 27.99
N ALA A 214 -5.20 -27.84 27.36
CA ALA A 214 -6.14 -28.75 26.67
C ALA A 214 -5.59 -30.17 26.48
N THR A 215 -6.47 -31.18 26.58
CA THR A 215 -6.09 -32.60 26.62
C THR A 215 -6.38 -33.31 25.28
N VAL A 216 -5.44 -34.15 24.84
CA VAL A 216 -5.48 -34.82 23.53
C VAL A 216 -5.92 -36.28 23.68
N PHE A 217 -7.05 -36.64 23.04
CA PHE A 217 -7.62 -37.99 23.09
C PHE A 217 -7.63 -38.67 21.72
N ILE A 218 -6.80 -39.70 21.54
CA ILE A 218 -6.87 -40.57 20.35
C ILE A 218 -7.62 -41.85 20.74
N ASN A 219 -8.72 -42.14 20.06
CA ASN A 219 -9.59 -43.29 20.36
C ASN A 219 -10.05 -43.33 21.82
N ASP A 220 -10.47 -42.17 22.33
CA ASP A 220 -10.93 -42.01 23.72
C ASP A 220 -9.88 -42.35 24.80
N LYS A 221 -8.59 -42.25 24.47
CA LYS A 221 -7.50 -42.51 25.42
C LYS A 221 -6.60 -41.28 25.49
N GLU A 222 -6.38 -40.76 26.70
CA GLU A 222 -5.50 -39.60 26.89
C GLU A 222 -4.09 -39.88 26.36
N ILE A 223 -3.51 -38.86 25.71
CA ILE A 223 -2.17 -38.96 25.10
C ILE A 223 -1.21 -37.96 25.76
N ARG A 224 -1.59 -36.69 25.80
CA ARG A 224 -0.88 -35.68 26.59
C ARG A 224 -1.75 -34.45 26.84
N VAL A 225 -1.17 -33.47 27.53
CA VAL A 225 -1.77 -32.14 27.70
C VAL A 225 -0.96 -31.09 26.91
N LEU A 226 -1.67 -30.14 26.31
CA LEU A 226 -1.06 -29.07 25.52
C LEU A 226 -1.08 -27.78 26.33
N ASN A 227 0.03 -27.04 26.32
CA ASN A 227 0.17 -25.77 27.06
C ASN A 227 0.30 -24.56 26.12
N LYS A 228 0.21 -23.36 26.68
CA LYS A 228 0.28 -22.10 25.93
C LYS A 228 1.52 -22.01 25.03
N GLY A 229 1.33 -22.25 23.72
CA GLY A 229 2.43 -22.39 22.76
C GLY A 229 2.22 -23.52 21.76
N SER A 230 1.50 -24.57 22.19
CA SER A 230 1.15 -25.69 21.32
C SER A 230 0.14 -25.25 20.25
N TYR A 231 0.36 -25.71 19.02
CA TYR A 231 -0.56 -25.50 17.91
C TYR A 231 -0.87 -26.80 17.20
N PHE A 232 -1.92 -26.80 16.39
CA PHE A 232 -2.33 -27.99 15.65
C PHE A 232 -3.32 -27.68 14.52
N GLY A 233 -3.25 -28.46 13.45
CA GLY A 233 -4.05 -28.26 12.24
C GLY A 233 -3.33 -27.64 11.04
N GLU A 234 -1.99 -27.63 11.05
CA GLU A 234 -1.19 -27.24 9.89
C GLU A 234 -1.68 -27.88 8.59
N ARG A 235 -1.89 -29.19 8.65
CA ARG A 235 -2.23 -29.98 7.47
C ARG A 235 -3.69 -29.76 7.00
N ALA A 236 -4.53 -29.21 7.86
CA ALA A 236 -5.90 -28.85 7.48
C ALA A 236 -5.96 -27.62 6.55
N LEU A 237 -4.93 -26.77 6.59
CA LEU A 237 -4.81 -25.62 5.67
C LEU A 237 -4.33 -26.02 4.26
N LEU A 238 -3.70 -27.18 4.15
CA LEU A 238 -3.15 -27.66 2.88
C LEU A 238 -3.97 -28.78 2.22
N TYR A 239 -4.55 -29.69 3.01
CA TYR A 239 -5.25 -30.90 2.49
C TYR A 239 -6.57 -31.21 3.22
N ASP A 240 -7.49 -31.87 2.51
CA ASP A 240 -8.68 -32.45 3.12
C ASP A 240 -8.31 -33.73 3.87
N GLU A 241 -8.16 -33.64 5.18
CA GLU A 241 -7.82 -34.80 5.99
C GLU A 241 -8.70 -34.92 7.23
N PRO A 242 -9.01 -36.15 7.66
CA PRO A 242 -9.68 -36.31 8.95
C PRO A 242 -8.70 -36.01 10.07
N ARG A 243 -9.19 -35.42 11.16
CA ARG A 243 -8.34 -35.03 12.27
C ARG A 243 -7.82 -36.28 12.97
N SER A 244 -6.55 -36.26 13.35
CA SER A 244 -5.91 -37.41 13.99
C SER A 244 -6.40 -37.66 15.43
N ALA A 245 -6.89 -36.62 16.10
CA ALA A 245 -7.22 -36.69 17.52
C ALA A 245 -8.42 -35.83 17.89
N THR A 246 -8.87 -35.98 19.14
CA THR A 246 -9.91 -35.16 19.73
C THR A 246 -9.28 -34.33 20.84
N ILE A 247 -9.06 -33.04 20.60
CA ILE A 247 -8.54 -32.11 21.62
C ILE A 247 -9.74 -31.52 22.38
N ILE A 248 -9.59 -31.47 23.72
CA ILE A 248 -10.63 -31.00 24.65
C ILE A 248 -10.02 -30.00 25.64
N ALA A 249 -10.72 -28.89 25.90
CA ALA A 249 -10.22 -27.83 26.77
C ALA A 249 -10.36 -28.18 28.26
N LYS A 250 -9.28 -28.00 29.02
CA LYS A 250 -9.26 -28.24 30.46
C LYS A 250 -9.76 -27.01 31.23
N GLU A 251 -8.91 -25.98 31.32
CA GLU A 251 -9.30 -24.72 31.98
C GLU A 251 -9.87 -23.75 30.93
N PRO A 252 -10.43 -22.59 31.36
CA PRO A 252 -10.89 -21.59 30.37
C PRO A 252 -9.73 -21.11 29.48
N THR A 253 -9.83 -21.38 28.18
CA THR A 253 -8.67 -21.33 27.28
C THR A 253 -8.89 -20.48 26.03
N ALA A 254 -7.82 -19.78 25.61
CA ALA A 254 -7.86 -18.76 24.56
C ALA A 254 -7.06 -19.20 23.32
N CYS A 255 -7.76 -19.41 22.20
CA CYS A 255 -7.16 -19.92 20.96
C CYS A 255 -7.20 -18.92 19.80
N ALA A 256 -6.06 -18.70 19.17
CA ALA A 256 -5.98 -17.97 17.89
C ALA A 256 -6.14 -18.98 16.74
N SER A 257 -7.06 -18.70 15.82
CA SER A 257 -7.41 -19.66 14.75
C SER A 257 -7.29 -19.04 13.35
N ILE A 258 -6.95 -19.86 12.35
CA ILE A 258 -7.01 -19.44 10.94
C ILE A 258 -7.73 -20.48 10.10
N CYS A 259 -8.80 -20.08 9.43
CA CYS A 259 -9.56 -20.95 8.55
C CYS A 259 -8.89 -20.96 7.19
N ARG A 260 -9.13 -22.02 6.42
CA ARG A 260 -8.56 -22.15 5.07
C ARG A 260 -9.29 -21.26 4.07
N LYS A 261 -10.61 -21.17 4.17
CA LYS A 261 -11.41 -20.33 3.28
C LYS A 261 -10.97 -18.87 3.29
N LEU A 262 -10.72 -18.32 4.47
CA LEU A 262 -10.25 -16.94 4.59
C LEU A 262 -8.84 -16.81 4.05
N LEU A 263 -8.00 -17.81 4.33
CA LEU A 263 -6.63 -17.86 3.77
C LEU A 263 -6.67 -17.87 2.25
N ASN A 264 -7.57 -18.64 1.64
CA ASN A 264 -7.71 -18.66 0.19
C ASN A 264 -8.25 -17.34 -0.40
N ILE A 265 -9.08 -16.62 0.34
CA ILE A 265 -9.52 -15.29 -0.04
C ILE A 265 -8.36 -14.30 0.08
N VAL A 266 -7.70 -14.30 1.24
CA VAL A 266 -6.62 -13.36 1.51
C VAL A 266 -5.40 -13.61 0.63
N LEU A 267 -5.02 -14.87 0.50
CA LEU A 267 -3.70 -15.27 0.00
C LEU A 267 -3.72 -16.08 -1.30
N GLY A 268 -4.84 -16.74 -1.60
CA GLY A 268 -4.92 -17.76 -2.65
C GLY A 268 -4.52 -19.13 -2.11
N ASN A 269 -4.26 -20.06 -3.00
CA ASN A 269 -3.81 -21.39 -2.61
C ASN A 269 -2.45 -21.29 -1.90
N LEU A 270 -2.36 -21.85 -0.69
CA LEU A 270 -1.16 -21.72 0.15
C LEU A 270 0.04 -22.47 -0.43
N GLN A 271 -0.19 -23.69 -0.93
CA GLN A 271 0.86 -24.44 -1.64
C GLN A 271 1.46 -23.62 -2.79
N VAL A 272 0.58 -23.10 -3.65
CA VAL A 272 1.01 -22.32 -4.82
C VAL A 272 1.80 -21.08 -4.41
N VAL A 273 1.32 -20.37 -3.40
CA VAL A 273 2.03 -19.21 -2.86
C VAL A 273 3.40 -19.61 -2.28
N LEU A 274 3.43 -20.69 -1.49
CA LEU A 274 4.67 -21.14 -0.84
C LEU A 274 5.71 -21.59 -1.86
N PHE A 275 5.28 -22.34 -2.88
CA PHE A 275 6.19 -22.88 -3.89
C PHE A 275 6.80 -21.75 -4.73
N ARG A 276 5.96 -20.78 -5.09
CA ARG A 276 6.42 -19.58 -5.79
C ARG A 276 7.56 -18.90 -5.06
N ASN A 277 7.42 -18.76 -3.74
CA ASN A 277 8.46 -18.15 -2.93
C ASN A 277 9.76 -18.96 -2.96
N ILE A 278 9.64 -20.27 -2.75
CA ILE A 278 10.80 -21.19 -2.76
C ILE A 278 11.53 -21.15 -4.10
N MET A 279 10.76 -21.30 -5.18
CA MET A 279 11.31 -21.29 -6.54
C MET A 279 11.87 -19.92 -6.93
N THR A 280 11.16 -18.84 -6.60
CA THR A 280 11.64 -17.49 -6.88
C THR A 280 12.99 -17.22 -6.20
N GLU A 281 13.17 -17.75 -4.99
CA GLU A 281 14.45 -17.60 -4.30
C GLU A 281 15.54 -18.39 -5.02
N ALA A 282 15.21 -19.61 -5.44
CA ALA A 282 16.15 -20.45 -6.19
C ALA A 282 16.54 -19.82 -7.53
N LEU A 283 15.54 -19.45 -8.33
CA LEU A 283 15.78 -18.86 -9.66
C LEU A 283 16.59 -17.55 -9.60
N GLN A 284 16.36 -16.75 -8.56
CA GLN A 284 17.09 -15.49 -8.39
C GLN A 284 18.58 -15.64 -8.07
N GLN A 285 19.05 -16.85 -7.77
CA GLN A 285 20.49 -17.10 -7.64
C GLN A 285 21.24 -17.09 -8.97
N SER A 286 20.52 -17.28 -10.07
CA SER A 286 21.08 -17.15 -11.41
C SER A 286 21.01 -15.70 -11.83
N GLU A 287 22.05 -15.20 -12.52
CA GLU A 287 22.01 -13.85 -13.10
C GLU A 287 20.95 -13.74 -14.18
N ILE A 288 20.68 -14.83 -14.89
CA ILE A 288 19.67 -14.84 -15.95
C ILE A 288 18.28 -14.56 -15.40
N PHE A 289 17.83 -15.36 -14.45
CA PHE A 289 16.46 -15.26 -13.93
C PHE A 289 16.25 -14.09 -12.97
N ARG A 290 17.34 -13.48 -12.50
CA ARG A 290 17.24 -12.28 -11.66
C ARG A 290 16.70 -11.08 -12.45
N GLN A 291 16.75 -11.13 -13.77
CA GLN A 291 16.14 -10.12 -14.64
C GLN A 291 14.79 -10.54 -15.25
N PHE A 292 14.17 -11.59 -14.69
CA PHE A 292 12.80 -11.97 -15.04
C PHE A 292 11.86 -11.22 -14.11
N SER A 293 10.62 -11.00 -14.57
CA SER A 293 9.60 -10.35 -13.74
C SER A 293 9.00 -11.34 -12.74
N ALA A 294 8.51 -10.82 -11.63
CA ALA A 294 7.86 -11.64 -10.60
C ALA A 294 6.77 -12.53 -11.19
N GLU A 295 6.01 -12.02 -12.17
CA GLU A 295 4.99 -12.83 -12.87
C GLU A 295 5.63 -14.02 -13.64
N GLN A 296 6.74 -13.75 -14.32
CA GLN A 296 7.45 -14.80 -15.06
C GLN A 296 8.01 -15.90 -14.14
N LEU A 297 8.68 -15.50 -13.08
CA LEU A 297 9.18 -16.47 -12.12
C LEU A 297 8.03 -17.29 -11.51
N ASN A 298 6.94 -16.62 -11.14
CA ASN A 298 5.75 -17.31 -10.65
C ASN A 298 5.19 -18.31 -11.64
N ASP A 299 5.22 -17.97 -12.94
CA ASP A 299 4.77 -18.92 -13.95
C ASP A 299 5.67 -20.14 -14.05
N LEU A 300 6.98 -19.97 -13.97
CA LEU A 300 7.94 -21.10 -13.95
C LEU A 300 7.67 -22.02 -12.73
N ALA A 301 7.49 -21.41 -11.56
CA ALA A 301 7.10 -22.15 -10.35
C ALA A 301 5.79 -22.95 -10.52
N ASP A 302 4.75 -22.31 -11.04
CA ASP A 302 3.45 -22.98 -11.26
C ASP A 302 3.51 -24.13 -12.27
N THR A 303 4.41 -24.07 -13.24
CA THR A 303 4.49 -25.05 -14.33
C THR A 303 5.68 -26.02 -14.29
N ALA A 304 6.65 -25.78 -13.40
CA ALA A 304 7.82 -26.67 -13.24
C ALA A 304 7.40 -28.07 -12.88
N ILE A 305 8.17 -29.04 -13.35
CA ILE A 305 7.94 -30.45 -13.05
C ILE A 305 8.69 -30.78 -11.76
N VAL A 306 7.98 -31.38 -10.79
CA VAL A 306 8.57 -31.76 -9.51
C VAL A 306 8.59 -33.28 -9.38
N ARG A 307 9.79 -33.84 -9.22
CA ARG A 307 10.00 -35.29 -9.15
C ARG A 307 10.72 -35.65 -7.86
N ASP A 308 10.44 -36.86 -7.37
CA ASP A 308 11.19 -37.47 -6.28
C ASP A 308 12.04 -38.58 -6.85
N TYR A 309 13.32 -38.60 -6.50
CA TYR A 309 14.27 -39.60 -6.99
C TYR A 309 14.89 -40.38 -5.85
N PRO A 310 15.14 -41.68 -6.08
CA PRO A 310 15.93 -42.43 -5.10
C PRO A 310 17.40 -42.07 -5.24
N ALA A 311 18.19 -42.45 -4.24
CA ALA A 311 19.64 -42.24 -4.29
C ALA A 311 20.26 -42.99 -5.44
N ASN A 312 21.37 -42.45 -5.95
CA ASN A 312 22.13 -43.00 -7.07
C ASN A 312 21.35 -43.14 -8.37
N TYR A 313 20.59 -42.11 -8.70
CA TYR A 313 19.79 -42.08 -9.92
C TYR A 313 20.33 -41.04 -10.90
N HIS A 314 20.41 -41.39 -12.17
CA HIS A 314 20.76 -40.42 -13.22
C HIS A 314 19.54 -39.58 -13.60
N ILE A 315 19.40 -38.44 -12.95
CA ILE A 315 18.31 -37.52 -13.20
C ILE A 315 18.39 -36.96 -14.62
N LEU A 316 19.61 -36.66 -15.07
CA LEU A 316 19.89 -36.19 -16.45
C LEU A 316 21.13 -36.90 -17.00
N HIS A 317 21.13 -37.22 -18.30
CA HIS A 317 22.26 -37.91 -18.94
C HIS A 317 22.32 -37.72 -20.47
N LYS A 318 23.30 -36.91 -20.92
CA LYS A 318 23.58 -36.71 -22.37
C LYS A 318 22.39 -36.11 -23.14
N LYS A 322 16.44 -35.30 -22.19
CA LYS A 322 15.15 -34.78 -22.62
C LYS A 322 15.28 -33.33 -23.15
N SER A 323 14.44 -32.41 -22.67
CA SER A 323 14.51 -30.99 -23.01
C SER A 323 14.69 -30.12 -21.75
N VAL A 324 15.27 -30.69 -20.71
CA VAL A 324 15.42 -29.98 -19.45
C VAL A 324 16.50 -28.94 -19.64
N LYS A 325 16.21 -27.71 -19.25
CA LYS A 325 17.15 -26.60 -19.35
C LYS A 325 17.63 -26.08 -18.01
N TYR A 326 16.87 -26.30 -16.95
CA TYR A 326 17.25 -25.81 -15.62
C TYR A 326 16.73 -26.77 -14.57
N LEU A 327 17.51 -26.95 -13.51
CA LEU A 327 17.26 -27.97 -12.49
C LEU A 327 17.50 -27.34 -11.12
N ILE A 328 16.51 -27.43 -10.23
CA ILE A 328 16.58 -26.86 -8.88
C ILE A 328 16.42 -27.96 -7.86
N VAL A 329 17.30 -27.99 -6.86
CA VAL A 329 17.23 -28.98 -5.79
C VAL A 329 16.32 -28.46 -4.69
N LEU A 330 15.17 -29.12 -4.49
CA LEU A 330 14.23 -28.77 -3.42
C LEU A 330 14.57 -29.49 -2.11
N GLU A 331 14.93 -30.77 -2.21
CA GLU A 331 15.31 -31.57 -1.04
C GLU A 331 16.41 -32.53 -1.44
N GLY A 332 17.40 -32.73 -0.57
CA GLY A 332 18.45 -33.72 -0.81
C GLY A 332 19.68 -33.16 -1.49
N LYS A 333 20.42 -34.04 -2.15
CA LYS A 333 21.68 -33.68 -2.80
C LYS A 333 21.88 -34.42 -4.12
N VAL A 334 22.38 -33.71 -5.12
CA VAL A 334 22.74 -34.27 -6.41
C VAL A 334 24.16 -33.85 -6.71
N GLU A 335 24.81 -34.60 -7.59
CA GLU A 335 26.18 -34.33 -7.98
C GLU A 335 26.23 -34.15 -9.48
N LEU A 336 26.89 -33.08 -9.90
CA LEU A 336 27.00 -32.70 -11.30
C LEU A 336 28.28 -33.30 -11.87
N PHE A 337 28.22 -33.73 -13.13
CA PHE A 337 29.38 -34.29 -13.83
C PHE A 337 29.47 -33.70 -15.22
N LEU A 338 30.68 -33.32 -15.65
CA LEU A 338 30.99 -33.18 -17.07
C LEU A 338 31.72 -34.43 -17.47
N ASP A 339 31.14 -35.19 -18.41
CA ASP A 339 31.63 -36.52 -18.78
C ASP A 339 31.96 -37.34 -17.51
N ASP A 340 33.23 -37.69 -17.25
CA ASP A 340 33.57 -38.45 -16.03
C ASP A 340 34.03 -37.60 -14.85
N GLU A 341 33.99 -36.27 -14.97
CA GLU A 341 34.53 -35.39 -13.92
C GLU A 341 33.43 -34.73 -13.09
N SER A 342 33.35 -35.14 -11.83
CA SER A 342 32.58 -34.40 -10.85
C SER A 342 32.99 -32.93 -10.91
N ILE A 343 32.01 -32.03 -11.03
CA ILE A 343 32.24 -30.59 -10.98
C ILE A 343 31.56 -29.89 -9.80
N GLY A 344 30.80 -30.63 -8.99
CA GLY A 344 30.09 -30.00 -7.87
C GLY A 344 28.93 -30.79 -7.31
N ILE A 345 28.52 -30.39 -6.12
CA ILE A 345 27.39 -30.97 -5.43
C ILE A 345 26.41 -29.84 -5.13
N LEU A 346 25.15 -30.05 -5.54
CA LEU A 346 24.09 -29.08 -5.28
C LEU A 346 23.28 -29.56 -4.08
N THR A 347 23.20 -28.70 -3.06
CA THR A 347 22.37 -28.95 -1.88
C THR A 347 21.02 -28.27 -2.07
N ARG A 348 20.19 -28.40 -1.04
CA ARG A 348 18.91 -27.67 -0.92
C ARG A 348 18.97 -26.21 -1.42
N GLY A 349 18.12 -25.89 -2.38
CA GLY A 349 17.96 -24.52 -2.87
C GLY A 349 18.92 -24.06 -3.96
N LYS A 350 20.01 -24.80 -4.19
CA LYS A 350 20.95 -24.52 -5.26
C LYS A 350 20.42 -25.13 -6.57
N SER A 351 21.05 -24.78 -7.69
CA SER A 351 20.51 -25.09 -9.02
C SER A 351 21.57 -25.05 -10.11
N PHE A 352 21.18 -25.46 -11.32
CA PHE A 352 22.12 -25.60 -12.42
C PHE A 352 21.44 -25.47 -13.76
N GLY A 353 22.15 -24.90 -14.73
CA GLY A 353 21.69 -24.85 -16.12
C GLY A 353 21.75 -23.53 -16.87
N ASP A 354 22.29 -22.48 -16.25
CA ASP A 354 22.49 -21.17 -16.91
C ASP A 354 22.90 -21.32 -18.38
N GLN A 355 23.91 -22.16 -18.61
CA GLN A 355 24.47 -22.43 -19.93
C GLN A 355 23.40 -22.83 -20.94
N TYR A 356 22.50 -23.69 -20.52
CA TYR A 356 21.48 -24.27 -21.42
C TYR A 356 20.25 -23.37 -21.58
N VAL A 357 19.94 -22.58 -20.55
CA VAL A 357 18.84 -21.59 -20.61
C VAL A 357 19.11 -20.56 -21.72
N LEU A 358 20.36 -20.11 -21.78
CA LEU A 358 20.82 -19.10 -22.74
C LEU A 358 20.92 -19.61 -24.18
N ASN A 359 21.32 -20.87 -24.34
CA ASN A 359 21.49 -21.48 -25.67
C ASN A 359 20.61 -22.73 -25.83
N GLN A 360 19.35 -22.53 -26.20
CA GLN A 360 18.36 -23.62 -26.24
C GLN A 360 18.65 -24.74 -27.24
N LYS A 361 19.43 -24.44 -28.28
CA LYS A 361 19.84 -25.44 -29.27
C LYS A 361 21.03 -26.31 -28.83
N GLN A 362 21.86 -25.79 -27.92
CA GLN A 362 23.04 -26.50 -27.43
C GLN A 362 22.73 -27.88 -26.83
N LYS A 363 23.56 -28.88 -27.15
CA LYS A 363 23.38 -30.25 -26.63
C LYS A 363 23.71 -30.32 -25.14
N PHE A 364 22.88 -31.02 -24.36
CA PHE A 364 23.11 -31.18 -22.91
C PHE A 364 24.27 -32.14 -22.64
N ARG A 365 25.42 -31.57 -22.32
CA ARG A 365 26.66 -32.32 -22.12
C ARG A 365 26.82 -32.89 -20.71
N HIS A 366 26.25 -32.22 -19.71
CA HIS A 366 26.41 -32.63 -18.32
C HIS A 366 25.46 -33.78 -17.93
N THR A 367 25.73 -34.38 -16.77
CA THR A 367 24.86 -35.38 -16.18
C THR A 367 24.72 -35.07 -14.69
N VAL A 368 23.52 -35.29 -14.16
CA VAL A 368 23.21 -35.00 -12.76
C VAL A 368 22.81 -36.31 -12.13
N LYS A 369 23.46 -36.68 -11.04
CA LYS A 369 23.23 -37.96 -10.37
C LYS A 369 22.91 -37.73 -8.89
N SER A 370 21.79 -38.26 -8.41
CA SER A 370 21.37 -38.08 -7.02
C SER A 370 22.29 -38.82 -6.07
N LEU A 371 22.61 -38.20 -4.93
CA LEU A 371 23.45 -38.84 -3.92
C LEU A 371 22.64 -39.52 -2.83
N ASP A 372 21.56 -38.88 -2.41
CA ASP A 372 20.57 -39.48 -1.52
C ASP A 372 19.16 -39.34 -2.12
N VAL A 373 18.12 -39.66 -1.36
CA VAL A 373 16.74 -39.47 -1.80
C VAL A 373 16.49 -37.97 -1.93
N CYS A 374 16.00 -37.53 -3.09
CA CYS A 374 15.88 -36.09 -3.34
C CYS A 374 14.56 -35.69 -4.00
N LYS A 375 14.26 -34.40 -3.91
CA LYS A 375 13.14 -33.79 -4.63
C LYS A 375 13.70 -32.69 -5.53
N ILE A 376 13.33 -32.74 -6.82
CA ILE A 376 13.92 -31.89 -7.83
C ILE A 376 12.82 -31.18 -8.63
N ALA A 377 13.04 -29.90 -8.92
CA ALA A 377 12.21 -29.13 -9.84
C ALA A 377 12.97 -29.00 -11.15
N LEU A 378 12.32 -29.40 -12.23
CA LEU A 378 12.88 -29.28 -13.58
C LEU A 378 12.12 -28.24 -14.40
N ILE A 379 12.85 -27.37 -15.09
CA ILE A 379 12.27 -26.42 -16.03
C ILE A 379 12.65 -26.83 -17.45
N THR A 380 11.66 -27.24 -18.24
CA THR A 380 11.89 -27.66 -19.64
C THR A 380 11.94 -26.48 -20.61
N GLU A 381 12.33 -26.78 -21.85
CA GLU A 381 12.36 -25.81 -22.97
C GLU A 381 11.01 -25.18 -23.23
N SER A 382 9.95 -25.99 -23.20
CA SER A 382 8.59 -25.50 -23.41
C SER A 382 8.04 -24.78 -22.18
N CYS A 383 8.49 -25.17 -20.99
CA CYS A 383 8.19 -24.43 -19.76
C CYS A 383 8.66 -22.96 -19.88
N LEU A 384 9.90 -22.76 -20.36
CA LEU A 384 10.44 -21.42 -20.64
C LEU A 384 9.69 -20.68 -21.74
N ALA A 385 9.46 -21.37 -22.85
CA ALA A 385 8.77 -20.81 -24.00
C ALA A 385 7.40 -20.26 -23.63
N ASP A 386 6.63 -21.05 -22.88
CA ASP A 386 5.33 -20.59 -22.36
C ASP A 386 5.54 -19.39 -21.43
N CYS A 387 6.50 -19.49 -20.52
CA CYS A 387 6.76 -18.39 -19.59
C CYS A 387 7.00 -17.08 -20.34
N LEU A 388 7.74 -17.15 -21.45
CA LEU A 388 8.13 -15.97 -22.23
C LEU A 388 7.15 -15.61 -23.36
N GLY A 389 6.27 -16.54 -23.70
CA GLY A 389 5.34 -16.38 -24.81
C GLY A 389 6.02 -16.38 -26.15
N ASP A 390 7.06 -17.21 -26.29
CA ASP A 390 7.87 -17.24 -27.51
C ASP A 390 8.73 -18.51 -27.60
N ASN A 391 8.73 -19.15 -28.76
CA ASN A 391 9.63 -20.30 -29.00
C ASN A 391 11.11 -19.93 -29.16
N ASN A 392 11.38 -18.67 -29.49
CA ASN A 392 12.77 -18.16 -29.53
C ASN A 392 13.19 -17.72 -28.14
N ILE A 393 13.76 -18.66 -27.40
CA ILE A 393 14.16 -18.43 -26.02
C ILE A 393 15.34 -17.46 -25.96
N ASP A 394 16.34 -17.72 -26.80
CA ASP A 394 17.56 -16.90 -26.84
C ASP A 394 17.25 -15.41 -27.07
N ALA A 395 16.42 -15.13 -28.08
CA ALA A 395 16.02 -13.75 -28.44
C ALA A 395 15.17 -13.10 -27.38
N SER A 396 14.20 -13.86 -26.84
CA SER A 396 13.28 -13.36 -25.80
C SER A 396 14.00 -12.99 -24.51
N ILE A 397 14.91 -13.85 -24.06
CA ILE A 397 15.69 -13.57 -22.86
C ILE A 397 16.48 -12.26 -23.05
N ASP A 398 17.09 -12.10 -24.23
CA ASP A 398 17.84 -10.89 -24.59
C ASP A 398 16.91 -9.67 -24.68
N HIS A 399 15.83 -9.82 -25.42
CA HIS A 399 14.76 -8.82 -25.46
C HIS A 399 14.29 -8.39 -24.06
N ASN A 400 14.13 -9.36 -23.15
CA ASN A 400 13.71 -9.08 -21.77
C ASN A 400 14.76 -8.39 -20.90
N ASN A 401 16.02 -8.76 -21.10
N ASN A 401 16.03 -8.75 -21.08
CA ASN A 401 17.15 -8.12 -20.43
CA ASN A 401 17.11 -8.09 -20.37
C ASN A 401 17.16 -6.62 -20.71
C ASN A 401 17.15 -6.60 -20.71
N LYS A 402 16.98 -6.29 -21.99
CA LYS A 402 16.91 -4.88 -22.45
C LYS A 402 15.69 -4.20 -21.89
N LYS A 403 14.55 -4.90 -21.91
CA LYS A 403 13.29 -4.37 -21.39
C LYS A 403 13.42 -3.99 -19.92
N SER A 404 13.97 -4.89 -19.10
CA SER A 404 14.08 -4.62 -17.67
C SER A 404 15.01 -3.45 -17.39
N ILE A 405 15.98 -3.19 -18.27
CA ILE A 405 16.87 -2.04 -18.12
C ILE A 405 16.14 -0.74 -18.36
N ILE A 406 15.40 -0.66 -19.47
CA ILE A 406 14.74 0.61 -19.82
C ILE A 406 13.47 0.91 -19.02
N LYS A 407 12.78 -0.12 -18.52
CA LYS A 407 11.59 0.09 -17.65
C LYS A 407 11.93 0.67 -16.27
N LYS A 408 13.20 0.60 -15.87
CA LYS A 408 13.66 1.30 -14.68
C LYS A 408 13.75 2.82 -14.91
N MET A 409 13.72 3.27 -16.17
CA MET A 409 13.80 4.70 -16.54
C MET A 409 12.41 5.31 -16.78
N TYR A 410 12.23 6.56 -16.35
CA TYR A 410 10.94 7.24 -16.56
C TYR A 410 10.55 7.38 -18.03
N ILE A 411 11.52 7.75 -18.87
CA ILE A 411 11.29 7.96 -20.31
C ILE A 411 10.58 6.79 -21.02
N PHE A 412 10.94 5.57 -20.65
CA PHE A 412 10.47 4.37 -21.35
C PHE A 412 9.42 3.56 -20.59
N ARG A 413 9.29 3.76 -19.29
CA ARG A 413 8.50 2.81 -18.50
C ARG A 413 7.00 2.93 -18.63
N TYR A 414 6.48 4.11 -18.92
CA TYR A 414 5.04 4.28 -19.13
C TYR A 414 4.64 4.22 -20.61
N LEU A 415 5.57 3.89 -21.50
CA LEU A 415 5.23 3.68 -22.91
C LEU A 415 4.43 2.41 -23.02
N SER A 416 3.57 2.33 -24.02
CA SER A 416 2.80 1.10 -24.26
C SER A 416 3.73 -0.10 -24.49
N GLU A 417 3.20 -1.30 -24.38
CA GLU A 417 4.00 -2.51 -24.61
C GLU A 417 4.54 -2.55 -26.03
N GLN A 418 3.65 -2.36 -27.01
CA GLN A 418 4.03 -2.38 -28.42
C GLN A 418 5.16 -1.37 -28.73
N GLN A 419 5.03 -0.14 -28.22
CA GLN A 419 6.06 0.90 -28.37
C GLN A 419 7.38 0.47 -27.76
N CYS A 420 7.31 -0.05 -26.55
CA CYS A 420 8.49 -0.51 -25.83
C CYS A 420 9.22 -1.63 -26.58
N ASN A 421 8.45 -2.54 -27.18
CA ASN A 421 9.01 -3.66 -27.94
C ASN A 421 9.65 -3.23 -29.25
N LEU A 422 8.92 -2.43 -30.03
CA LEU A 422 9.42 -1.88 -31.29
C LEU A 422 10.77 -1.23 -31.11
N LEU A 423 10.84 -0.46 -30.03
CA LEU A 423 12.02 0.28 -29.67
C LEU A 423 13.16 -0.68 -29.38
N ILE A 424 12.89 -1.68 -28.55
CA ILE A 424 13.89 -2.71 -28.22
C ILE A 424 14.37 -3.44 -29.48
N GLU A 425 13.44 -3.82 -30.35
CA GLU A 425 13.77 -4.42 -31.65
C GLU A 425 14.67 -3.54 -32.52
N ALA A 426 14.51 -2.23 -32.41
CA ALA A 426 15.30 -1.27 -33.15
C ALA A 426 16.70 -1.02 -32.60
N PHE A 427 17.02 -1.56 -31.43
CA PHE A 427 18.37 -1.42 -30.85
C PHE A 427 19.40 -2.04 -31.77
N ARG A 428 20.53 -1.35 -31.91
CA ARG A 428 21.66 -1.84 -32.68
C ARG A 428 22.94 -1.69 -31.87
N THR A 429 23.94 -2.47 -32.26
CA THR A 429 25.16 -2.65 -31.47
C THR A 429 26.36 -2.04 -32.19
N THR A 430 27.32 -1.54 -31.41
CA THR A 430 28.60 -1.03 -31.93
C THR A 430 29.70 -1.31 -30.91
N ARG A 431 30.93 -1.49 -31.40
CA ARG A 431 32.10 -1.83 -30.58
C ARG A 431 33.08 -0.65 -30.53
N TYR A 432 33.81 -0.50 -29.42
CA TYR A 432 34.73 0.61 -29.19
C TYR A 432 36.10 0.16 -28.64
N GLU A 433 37.18 0.77 -29.15
CA GLU A 433 38.54 0.51 -28.65
C GLU A 433 38.75 1.31 -27.38
N GLU A 434 39.56 0.79 -26.45
CA GLU A 434 39.86 1.49 -25.20
C GLU A 434 40.41 2.90 -25.48
N GLY A 435 39.91 3.89 -24.75
CA GLY A 435 40.27 5.29 -24.98
C GLY A 435 39.48 6.04 -26.06
N ASP A 436 38.59 5.34 -26.78
CA ASP A 436 37.68 5.99 -27.74
C ASP A 436 36.64 6.85 -27.01
N TYR A 437 36.44 8.06 -27.53
CA TYR A 437 35.35 8.93 -27.08
C TYR A 437 34.02 8.47 -27.71
N ILE A 438 33.20 7.80 -26.92
CA ILE A 438 31.86 7.40 -27.35
C ILE A 438 30.99 8.66 -27.48
N ILE A 439 31.13 9.56 -26.50
CA ILE A 439 30.45 10.86 -26.48
C ILE A 439 31.47 11.92 -26.10
N GLN A 440 31.43 13.06 -26.79
CA GLN A 440 32.35 14.18 -26.63
C GLN A 440 31.61 15.33 -25.97
N GLU A 441 32.11 15.83 -24.84
CA GLU A 441 31.54 17.04 -24.23
C GLU A 441 31.45 18.14 -25.29
N GLY A 442 30.29 18.81 -25.35
CA GLY A 442 30.06 19.90 -26.28
C GLY A 442 29.35 19.56 -27.59
N GLU A 443 29.51 18.33 -28.09
CA GLU A 443 28.88 17.94 -29.35
C GLU A 443 27.38 17.72 -29.14
N VAL A 444 26.60 18.02 -30.17
CA VAL A 444 25.15 17.80 -30.15
C VAL A 444 24.90 16.33 -30.49
N GLY A 445 24.47 15.56 -29.50
CA GLY A 445 24.26 14.12 -29.65
C GLY A 445 22.89 13.78 -30.19
N SER A 446 22.76 12.58 -30.74
CA SER A 446 21.49 12.08 -31.26
C SER A 446 21.14 10.63 -30.89
N ARG A 447 21.89 10.03 -29.95
CA ARG A 447 21.78 8.60 -29.64
C ARG A 447 21.65 8.37 -28.14
N PHE A 448 20.94 7.30 -27.80
CA PHE A 448 20.84 6.78 -26.42
C PHE A 448 21.61 5.47 -26.38
N TYR A 449 22.44 5.27 -25.34
CA TYR A 449 23.29 4.07 -25.18
C TYR A 449 22.98 3.24 -23.94
N ILE A 450 23.09 1.92 -24.09
CA ILE A 450 23.13 0.97 -22.97
C ILE A 450 24.38 0.12 -23.11
N ILE A 451 25.15 -0.02 -22.02
CA ILE A 451 26.40 -0.81 -22.05
C ILE A 451 26.13 -2.33 -22.04
N LYS A 452 26.68 -3.02 -23.03
CA LYS A 452 26.54 -4.46 -23.17
C LYS A 452 27.70 -5.17 -22.43
N ASN A 453 28.93 -4.79 -22.79
CA ASN A 453 30.18 -5.37 -22.24
C ASN A 453 31.15 -4.28 -21.83
N GLY A 454 31.90 -4.51 -20.77
CA GLY A 454 32.99 -3.62 -20.38
C GLY A 454 32.57 -2.44 -19.54
N GLU A 455 33.38 -1.38 -19.58
CA GLU A 455 33.20 -0.22 -18.71
C GLU A 455 33.57 1.08 -19.42
N VAL A 456 33.08 2.20 -18.89
CA VAL A 456 33.37 3.54 -19.45
C VAL A 456 33.52 4.58 -18.33
N GLU A 457 34.21 5.68 -18.64
CA GLU A 457 34.49 6.75 -17.67
C GLU A 457 33.78 8.03 -18.09
N VAL A 458 32.99 8.58 -17.18
CA VAL A 458 32.28 9.84 -17.41
C VAL A 458 33.22 10.97 -16.97
N THR A 459 33.41 11.99 -17.80
CA THR A 459 34.32 13.12 -17.49
C THR A 459 33.76 14.48 -17.94
N LYS A 460 34.02 15.53 -17.16
CA LYS A 460 33.67 16.92 -17.54
C LYS A 460 34.86 17.86 -17.26
N ASN A 461 35.29 18.57 -18.31
CA ASN A 461 36.44 19.49 -18.26
C ASN A 461 37.81 18.85 -17.94
N GLY A 462 37.91 17.52 -18.06
CA GLY A 462 39.12 16.77 -17.71
C GLY A 462 38.93 15.91 -16.48
N LYS A 463 38.35 16.50 -15.43
CA LYS A 463 38.11 15.79 -14.16
C LYS A 463 37.10 14.65 -14.35
N ARG A 464 37.45 13.45 -13.88
CA ARG A 464 36.62 12.26 -14.03
C ARG A 464 35.48 12.32 -13.01
N LEU A 465 34.28 11.87 -13.43
CA LEU A 465 33.05 12.02 -12.62
C LEU A 465 32.57 10.72 -12.00
N ARG A 466 32.49 9.65 -12.80
CA ARG A 466 32.20 8.29 -12.29
C ARG A 466 32.49 7.20 -13.35
N THR A 467 32.27 5.94 -12.99
CA THR A 467 32.42 4.80 -13.89
C THR A 467 31.08 4.05 -14.05
N LEU A 468 30.82 3.59 -15.28
CA LEU A 468 29.62 2.83 -15.61
C LEU A 468 30.05 1.55 -16.29
N GLY A 469 29.23 0.51 -16.18
CA GLY A 469 29.51 -0.79 -16.80
C GLY A 469 28.26 -1.57 -17.19
N LYS A 470 28.38 -2.90 -17.25
CA LYS A 470 27.34 -3.78 -17.79
C LYS A 470 25.93 -3.37 -17.39
N ASN A 471 25.11 -3.07 -18.38
CA ASN A 471 23.69 -2.68 -18.23
C ASN A 471 23.38 -1.28 -17.65
N ASP A 472 24.41 -0.47 -17.41
CA ASP A 472 24.21 0.97 -17.20
C ASP A 472 23.90 1.60 -18.55
N TYR A 473 23.47 2.86 -18.50
CA TYR A 473 23.03 3.59 -19.69
C TYR A 473 23.42 5.04 -19.59
N PHE A 474 23.45 5.71 -20.74
CA PHE A 474 23.75 7.15 -20.80
C PHE A 474 23.23 7.77 -22.10
N GLY A 475 23.09 9.09 -22.09
CA GLY A 475 22.76 9.87 -23.27
C GLY A 475 21.29 10.08 -23.59
N GLU A 476 20.39 9.62 -22.73
CA GLU A 476 18.94 9.63 -23.01
C GLU A 476 18.33 11.01 -23.38
N ARG A 477 18.88 12.10 -22.84
CA ARG A 477 18.39 13.46 -23.18
C ARG A 477 18.43 13.78 -24.68
N ALA A 478 19.36 13.18 -25.41
CA ALA A 478 19.47 13.37 -26.86
C ALA A 478 18.24 12.88 -27.65
N LEU A 479 17.42 12.04 -27.02
CA LEU A 479 16.15 11.61 -27.61
C LEU A 479 15.09 12.74 -27.57
N LEU A 480 15.15 13.60 -26.55
CA LEU A 480 14.17 14.68 -26.34
C LEU A 480 14.61 16.08 -26.80
N TYR A 481 15.93 16.35 -26.78
CA TYR A 481 16.47 17.69 -27.02
C TYR A 481 17.67 17.71 -27.95
N ASP A 482 17.78 18.77 -28.74
CA ASP A 482 19.00 19.06 -29.50
C ASP A 482 19.79 20.03 -28.64
N GLU A 483 20.86 19.53 -28.04
CA GLU A 483 21.61 20.31 -27.07
C GLU A 483 22.99 19.71 -26.87
N PRO A 484 23.95 20.52 -26.39
CA PRO A 484 25.31 20.02 -26.24
C PRO A 484 25.41 19.01 -25.09
N ARG A 485 26.16 17.95 -25.31
CA ARG A 485 26.44 16.97 -24.25
C ARG A 485 27.21 17.67 -23.14
N THR A 486 26.88 17.34 -21.90
CA THR A 486 27.50 17.96 -20.75
C THR A 486 28.65 17.13 -20.15
N ALA A 487 28.97 15.99 -20.75
CA ALA A 487 30.08 15.16 -20.31
C ALA A 487 30.54 14.27 -21.43
N SER A 488 31.80 13.84 -21.35
CA SER A 488 32.33 12.88 -22.31
C SER A 488 32.21 11.50 -21.69
N ILE A 489 32.16 10.48 -22.55
CA ILE A 489 32.13 9.09 -22.11
C ILE A 489 33.26 8.40 -22.86
N ILE A 490 34.26 7.94 -22.11
CA ILE A 490 35.46 7.34 -22.70
C ILE A 490 35.48 5.87 -22.32
N SER A 491 35.90 5.04 -23.27
CA SER A 491 36.04 3.60 -23.04
C SER A 491 37.21 3.31 -22.07
N LYS A 492 36.95 2.52 -21.02
CA LYS A 492 37.95 2.11 -20.02
C LYS A 492 38.07 0.58 -19.96
N ALA A 493 38.03 -0.06 -21.13
CA ALA A 493 38.19 -1.52 -21.25
C ALA A 493 38.42 -1.91 -22.71
N THR A 494 39.01 -3.09 -22.89
CA THR A 494 39.25 -3.63 -24.22
C THR A 494 37.94 -4.11 -24.83
N SER A 495 37.56 -3.51 -25.97
CA SER A 495 36.33 -3.86 -26.70
C SER A 495 35.05 -3.72 -25.88
N VAL A 496 34.69 -2.47 -25.57
CA VAL A 496 33.37 -2.14 -25.00
C VAL A 496 32.32 -2.26 -26.10
N GLU A 497 31.22 -2.95 -25.81
CA GLU A 497 30.08 -3.02 -26.72
C GLU A 497 28.90 -2.28 -26.09
N CYS A 498 28.24 -1.43 -26.90
CA CYS A 498 27.04 -0.70 -26.48
C CYS A 498 25.88 -1.04 -27.41
N TRP A 499 24.68 -1.17 -26.84
CA TRP A 499 23.44 -1.11 -27.60
C TRP A 499 23.09 0.36 -27.76
N PHE A 500 22.48 0.74 -28.88
CA PHE A 500 22.05 2.13 -29.04
C PHE A 500 20.84 2.32 -29.94
N VAL A 501 20.13 3.43 -29.71
CA VAL A 501 18.98 3.78 -30.53
C VAL A 501 19.06 5.26 -30.91
N ASP A 502 18.76 5.54 -32.19
CA ASP A 502 18.79 6.90 -32.73
C ASP A 502 17.50 7.65 -32.37
N LYS A 503 17.66 8.96 -32.14
CA LYS A 503 16.56 9.90 -32.02
C LYS A 503 15.52 9.73 -33.15
N SER A 504 15.97 9.58 -34.38
CA SER A 504 15.05 9.41 -35.51
C SER A 504 14.13 8.21 -35.35
N VAL A 505 14.67 7.10 -34.84
CA VAL A 505 13.89 5.88 -34.59
C VAL A 505 12.92 6.08 -33.43
N PHE A 506 13.40 6.69 -32.34
CA PHE A 506 12.55 7.07 -31.21
C PHE A 506 11.34 7.90 -31.63
N LEU A 507 11.54 8.86 -32.53
CA LEU A 507 10.48 9.74 -32.99
C LEU A 507 9.47 9.08 -33.96
N GLN A 508 9.86 8.02 -34.66
CA GLN A 508 8.90 7.21 -35.42
C GLN A 508 7.95 6.42 -34.49
N ILE A 509 8.41 6.08 -33.29
CA ILE A 509 7.69 5.22 -32.36
C ILE A 509 6.82 6.01 -31.39
N ILE A 510 7.39 7.03 -30.76
CA ILE A 510 6.67 7.79 -29.76
C ILE A 510 5.79 8.85 -30.45
N GLN A 511 4.50 8.84 -30.12
CA GLN A 511 3.54 9.71 -30.76
C GLN A 511 3.48 11.02 -29.98
N GLY A 512 2.77 12.00 -30.53
CA GLY A 512 2.76 13.37 -30.03
C GLY A 512 2.53 13.68 -28.54
N PRO A 513 1.41 13.22 -27.96
CA PRO A 513 1.10 13.61 -26.58
C PRO A 513 2.12 13.14 -25.53
N MET A 514 2.56 11.88 -25.60
CA MET A 514 3.56 11.36 -24.67
C MET A 514 4.92 12.09 -24.85
N LEU A 515 5.32 12.30 -26.10
CA LEU A 515 6.51 13.11 -26.38
C LEU A 515 6.42 14.51 -25.73
N THR A 516 5.27 15.19 -25.88
CA THR A 516 5.08 16.51 -25.28
C THR A 516 5.27 16.43 -23.77
N HIS A 517 4.59 15.44 -23.16
CA HIS A 517 4.70 15.17 -21.73
C HIS A 517 6.13 15.01 -21.28
N LEU A 518 6.89 14.18 -21.99
CA LEU A 518 8.30 13.93 -21.66
C LEU A 518 9.19 15.16 -21.90
N GLU A 519 9.02 15.83 -23.04
CA GLU A 519 9.72 17.10 -23.35
C GLU A 519 9.61 18.11 -22.22
N GLU A 520 8.38 18.37 -21.79
CA GLU A 520 8.12 19.38 -20.79
C GLU A 520 8.61 19.00 -19.40
N ARG A 521 8.64 17.70 -19.11
CA ARG A 521 8.92 17.22 -17.76
C ARG A 521 10.42 17.20 -17.45
N ILE A 522 11.22 16.66 -18.36
CA ILE A 522 12.66 16.52 -18.10
C ILE A 522 13.33 17.90 -18.07
N LYS A 523 12.97 18.78 -19.00
CA LYS A 523 13.39 20.21 -18.99
C LYS A 523 13.26 20.79 -17.58
N MET A 524 12.02 20.89 -17.13
CA MET A 524 11.69 21.62 -15.89
C MET A 524 12.18 20.91 -14.63
N GLN A 525 12.27 19.57 -14.68
CA GLN A 525 12.95 18.78 -13.62
C GLN A 525 14.35 19.30 -13.38
N ASP A 526 15.12 19.38 -14.47
CA ASP A 526 16.57 19.48 -14.42
C ASP A 526 17.13 20.92 -14.42
N THR A 527 16.35 21.92 -14.87
CA THR A 527 16.82 23.32 -14.89
C THR A 527 16.79 23.93 -13.47
N LYS A 528 17.93 24.46 -13.02
CA LYS A 528 18.07 24.95 -11.64
C LYS A 528 17.40 26.31 -11.44
N VAL A 529 16.83 26.52 -10.25
CA VAL A 529 16.01 27.69 -9.93
C VAL A 529 16.32 28.18 -8.52
N GLU A 530 16.75 29.45 -8.42
CA GLU A 530 16.93 30.13 -7.13
C GLU A 530 15.79 31.13 -6.98
N MET A 531 15.38 31.37 -5.75
CA MET A 531 14.15 32.13 -5.43
C MET A 531 14.05 33.49 -6.14
N HIS A 532 15.16 34.23 -6.11
CA HIS A 532 15.24 35.59 -6.70
C HIS A 532 14.97 35.71 -8.21
N GLU A 533 15.00 34.59 -8.95
CA GLU A 533 14.69 34.58 -10.39
C GLU A 533 13.19 34.51 -10.75
N LEU A 534 12.29 34.57 -9.75
CA LEU A 534 10.87 34.25 -9.94
C LEU A 534 9.90 35.44 -9.88
N GLU A 535 9.44 35.90 -11.06
CA GLU A 535 8.27 36.78 -11.18
C GLU A 535 7.02 35.95 -10.91
N THR A 536 5.96 36.58 -10.39
CA THR A 536 4.72 35.87 -10.05
C THR A 536 3.49 36.49 -10.75
N GLU A 537 2.92 35.78 -11.72
CA GLU A 537 1.77 36.27 -12.52
C GLU A 537 0.48 36.49 -11.72
N ARG A 538 0.12 35.52 -10.88
CA ARG A 538 -1.19 35.49 -10.21
C ARG A 538 -1.26 34.45 -9.10
N ILE A 539 -2.32 34.53 -8.30
CA ILE A 539 -2.64 33.53 -7.27
C ILE A 539 -3.55 32.49 -7.91
N ILE A 540 -3.39 31.22 -7.53
CA ILE A 540 -4.17 30.09 -8.08
C ILE A 540 -4.60 29.08 -7.00
N GLY A 541 -4.98 29.58 -5.83
CA GLY A 541 -5.38 28.75 -4.68
C GLY A 541 -4.90 29.34 -3.36
N ARG A 542 -5.74 29.23 -2.32
CA ARG A 542 -5.43 29.70 -0.96
C ARG A 542 -6.14 28.82 0.08
N GLY A 543 -5.52 27.69 0.42
CA GLY A 543 -6.14 26.69 1.29
C GLY A 543 -5.86 26.87 2.77
N THR A 544 -5.97 28.11 3.26
CA THR A 544 -5.78 28.44 4.69
C THR A 544 -4.33 28.23 5.18
N PHE A 545 -3.92 26.96 5.26
CA PHE A 545 -2.55 26.58 5.64
C PHE A 545 -1.46 27.20 4.74
N GLY A 546 -1.77 27.42 3.46
CA GLY A 546 -0.80 28.01 2.52
C GLY A 546 -1.42 28.91 1.44
N THR A 547 -0.60 29.22 0.45
CA THR A 547 -0.97 30.07 -0.69
C THR A 547 -0.17 29.65 -1.94
N VAL A 548 -0.85 29.46 -3.07
CA VAL A 548 -0.22 28.96 -4.29
C VAL A 548 -0.24 29.99 -5.42
N LYS A 549 0.93 30.18 -6.05
CA LYS A 549 1.16 31.27 -7.00
C LYS A 549 1.72 30.72 -8.31
N LEU A 550 1.17 31.17 -9.43
CA LEU A 550 1.72 30.89 -10.75
C LEU A 550 2.92 31.80 -10.94
N VAL A 551 4.08 31.21 -11.24
CA VAL A 551 5.35 31.96 -11.30
C VAL A 551 6.12 31.71 -12.60
N HIS A 552 6.92 32.71 -12.98
CA HIS A 552 7.66 32.74 -14.24
C HIS A 552 9.15 32.65 -13.91
N HIS A 553 9.92 31.91 -14.69
CA HIS A 553 11.37 31.83 -14.53
C HIS A 553 12.02 32.71 -15.62
N LYS A 554 12.77 33.74 -15.19
CA LYS A 554 13.29 34.77 -16.12
C LYS A 554 14.22 34.22 -17.22
N PRO A 555 15.27 33.44 -16.85
CA PRO A 555 16.22 32.92 -17.85
C PRO A 555 15.63 31.99 -18.93
N THR A 556 14.85 31.00 -18.50
CA THR A 556 14.31 29.94 -19.36
C THR A 556 12.91 30.23 -19.90
N GLN A 557 12.14 31.07 -19.19
CA GLN A 557 10.74 31.39 -19.50
C GLN A 557 9.79 30.21 -19.27
N ILE A 558 10.21 29.29 -18.40
CA ILE A 558 9.41 28.13 -18.01
C ILE A 558 8.54 28.58 -16.85
N ARG A 559 7.28 28.16 -16.86
CA ARG A 559 6.34 28.52 -15.82
C ARG A 559 6.23 27.38 -14.80
N TYR A 560 5.94 27.76 -13.56
CA TYR A 560 5.92 26.84 -12.42
C TYR A 560 4.76 27.19 -11.50
N ALA A 561 4.62 26.45 -10.42
CA ALA A 561 3.71 26.78 -9.34
C ALA A 561 4.50 26.76 -8.05
N LEU A 562 4.44 27.86 -7.29
CA LEU A 562 5.09 27.96 -5.99
C LEU A 562 4.00 27.97 -4.95
N LYS A 563 4.08 27.03 -4.01
CA LYS A 563 3.17 26.96 -2.87
C LYS A 563 3.92 27.51 -1.66
N CYS A 564 3.35 28.51 -1.02
CA CYS A 564 3.96 29.22 0.11
C CYS A 564 3.20 28.88 1.39
N VAL A 565 3.93 28.42 2.41
CA VAL A 565 3.34 27.97 3.68
C VAL A 565 4.08 28.63 4.85
N SER A 566 3.38 29.45 5.63
CA SER A 566 3.99 30.19 6.75
C SER A 566 4.39 29.29 7.92
N LYS A 567 5.57 29.54 8.49
CA LYS A 567 6.04 28.82 9.68
C LYS A 567 5.18 29.11 10.90
N ARG A 568 4.47 30.24 10.87
CA ARG A 568 3.38 30.53 11.82
C ARG A 568 2.32 29.44 11.79
N SER A 569 1.80 29.14 10.59
CA SER A 569 0.79 28.10 10.40
C SER A 569 1.33 26.68 10.68
N ILE A 570 2.59 26.44 10.31
CA ILE A 570 3.23 25.13 10.49
C ILE A 570 3.51 24.80 11.96
N ILE A 571 4.12 25.74 12.68
CA ILE A 571 4.40 25.59 14.11
C ILE A 571 3.11 25.60 14.96
N SER A 572 2.09 26.34 14.49
CA SER A 572 0.81 26.53 15.20
C SER A 572 0.14 25.24 15.69
N LEU A 573 0.11 24.21 14.85
CA LEU A 573 -0.56 22.94 15.16
C LEU A 573 0.43 21.79 15.50
N ASN A 574 1.65 22.14 15.94
CA ASN A 574 2.70 21.15 16.27
C ASN A 574 3.13 20.23 15.11
N GLN A 575 3.23 20.82 13.91
CA GLN A 575 3.59 20.09 12.68
C GLN A 575 5.05 20.32 12.29
N GLN A 576 5.95 20.36 13.28
CA GLN A 576 7.39 20.49 13.01
C GLN A 576 7.88 19.19 12.40
N ASN A 577 7.63 18.09 13.11
CA ASN A 577 7.90 16.72 12.64
C ASN A 577 7.25 16.34 11.29
N ASN A 578 6.04 16.84 11.02
CA ASN A 578 5.24 16.41 9.84
C ASN A 578 5.57 17.10 8.51
N ILE A 579 5.97 18.37 8.56
CA ILE A 579 6.36 19.09 7.32
C ILE A 579 7.69 18.56 6.75
N LYS A 580 8.54 17.99 7.61
CA LYS A 580 9.77 17.32 7.17
C LYS A 580 9.44 16.02 6.43
N LEU A 581 8.53 15.22 6.98
CA LEU A 581 8.08 13.96 6.37
C LEU A 581 7.32 14.15 5.05
N GLU A 582 6.50 15.21 4.96
CA GLU A 582 5.80 15.54 3.73
C GLU A 582 6.77 15.92 2.61
N ARG A 583 7.83 16.65 2.96
CA ARG A 583 8.87 17.02 1.98
C ARG A 583 9.51 15.77 1.36
N GLU A 584 9.82 14.79 2.21
CA GLU A 584 10.42 13.52 1.79
C GLU A 584 9.54 12.77 0.77
N ILE A 585 8.23 12.67 1.06
CA ILE A 585 7.26 12.03 0.17
C ILE A 585 7.15 12.78 -1.16
N THR A 586 6.81 14.05 -1.06
CA THR A 586 6.63 14.95 -2.20
C THR A 586 7.83 14.97 -3.16
N ALA A 587 9.04 14.94 -2.61
CA ALA A 587 10.26 14.98 -3.42
C ALA A 587 10.49 13.68 -4.21
N GLU A 588 10.19 12.54 -3.60
CA GLU A 588 10.40 11.23 -4.22
C GLU A 588 9.34 10.83 -5.26
N ASN A 589 8.15 11.47 -5.24
CA ASN A 589 7.05 11.11 -6.16
C ASN A 589 7.45 11.33 -7.62
N ASP A 590 7.68 10.24 -8.36
CA ASP A 590 8.01 10.33 -9.80
C ASP A 590 7.07 9.47 -10.67
N HIS A 591 5.82 9.94 -10.79
CA HIS A 591 4.79 9.24 -11.55
C HIS A 591 4.01 10.25 -12.41
N PRO A 592 3.63 9.87 -13.65
CA PRO A 592 2.98 10.83 -14.54
C PRO A 592 1.66 11.44 -14.07
N PHE A 593 0.88 10.69 -13.29
CA PHE A 593 -0.38 11.18 -12.74
C PHE A 593 -0.26 11.68 -11.28
N ILE A 594 0.95 11.98 -10.84
CA ILE A 594 1.18 12.61 -9.53
C ILE A 594 2.07 13.82 -9.72
N ILE A 595 1.76 14.89 -9.01
CA ILE A 595 2.46 16.16 -9.17
C ILE A 595 3.97 15.99 -8.91
N ARG A 596 4.75 16.64 -9.77
CA ARG A 596 6.21 16.53 -9.75
C ARG A 596 6.81 17.76 -9.07
N LEU A 597 7.39 17.56 -7.89
CA LEU A 597 8.14 18.59 -7.18
C LEU A 597 9.47 18.82 -7.88
N VAL A 598 9.88 20.08 -7.94
CA VAL A 598 11.14 20.46 -8.56
C VAL A 598 12.18 20.65 -7.47
N ARG A 599 11.89 21.53 -6.51
CA ARG A 599 12.72 21.72 -5.32
C ARG A 599 11.97 22.53 -4.26
N THR A 600 12.58 22.64 -3.08
CA THR A 600 12.04 23.40 -1.94
C THR A 600 12.93 24.60 -1.59
N PHE A 601 12.40 25.51 -0.77
CA PHE A 601 13.11 26.72 -0.31
C PHE A 601 12.79 27.00 1.17
N LYS A 602 13.84 27.33 1.95
CA LYS A 602 13.69 27.74 3.36
C LYS A 602 13.58 29.26 3.48
N ASP A 603 13.22 29.72 4.67
CA ASP A 603 13.07 31.15 4.96
C ASP A 603 12.98 31.40 6.48
N SER A 604 12.99 32.66 6.88
CA SER A 604 12.65 33.06 8.24
C SER A 604 11.15 32.87 8.52
N ASN A 605 10.30 33.31 7.58
CA ASN A 605 8.84 33.30 7.76
C ASN A 605 8.08 32.11 7.14
N CYS A 606 8.22 31.86 5.83
CA CYS A 606 7.42 30.83 5.15
C CYS A 606 8.21 29.81 4.30
N PHE A 607 7.83 28.53 4.44
CA PHE A 607 8.34 27.43 3.59
C PHE A 607 7.74 27.50 2.17
N TYR A 608 8.47 26.95 1.19
CA TYR A 608 8.07 27.01 -0.21
C TYR A 608 8.26 25.66 -0.95
N PHE A 609 7.27 25.27 -1.75
CA PHE A 609 7.31 24.07 -2.60
C PHE A 609 7.13 24.47 -4.05
N LEU A 610 8.16 24.24 -4.88
CA LEU A 610 8.11 24.54 -6.31
C LEU A 610 7.75 23.26 -7.08
N THR A 611 6.68 23.32 -7.87
CA THR A 611 6.22 22.19 -8.69
C THR A 611 5.96 22.62 -10.11
N GLU A 612 5.83 21.63 -11.00
CA GLU A 612 5.31 21.87 -12.35
C GLU A 612 3.98 22.62 -12.25
N LEU A 613 3.68 23.42 -13.25
CA LEU A 613 2.37 24.06 -13.35
C LEU A 613 1.45 23.16 -14.16
N VAL A 614 0.26 22.93 -13.63
CA VAL A 614 -0.77 22.14 -14.28
C VAL A 614 -1.76 23.15 -14.86
N THR A 615 -2.07 23.03 -16.15
CA THR A 615 -2.78 24.09 -16.89
C THR A 615 -4.06 23.63 -17.60
N GLY A 616 -4.75 22.64 -17.02
CA GLY A 616 -5.99 22.09 -17.61
C GLY A 616 -7.19 22.00 -16.69
N GLY A 617 -7.12 22.60 -15.51
CA GLY A 617 -8.26 22.68 -14.60
C GLY A 617 -8.26 21.69 -13.46
N GLU A 618 -9.40 21.61 -12.77
CA GLU A 618 -9.65 20.65 -11.71
C GLU A 618 -10.55 19.54 -12.22
N LEU A 619 -10.47 18.37 -11.59
CA LEU A 619 -11.39 17.26 -11.91
C LEU A 619 -12.85 17.69 -11.74
N TYR A 620 -13.16 18.46 -10.68
CA TYR A 620 -14.52 18.99 -10.50
C TYR A 620 -15.02 19.86 -11.65
N ASP A 621 -14.14 20.61 -12.32
CA ASP A 621 -14.52 21.31 -13.56
C ASP A 621 -15.06 20.32 -14.60
N ALA A 622 -14.43 19.15 -14.67
CA ALA A 622 -14.83 18.12 -15.62
C ALA A 622 -16.18 17.45 -15.27
N ILE A 623 -16.41 17.13 -14.01
CA ILE A 623 -17.65 16.43 -13.67
C ILE A 623 -18.86 17.37 -13.52
N ARG A 624 -18.62 18.67 -13.37
CA ARG A 624 -19.67 19.69 -13.54
C ARG A 624 -20.03 19.78 -15.02
N LYS A 625 -19.04 19.90 -15.90
CA LYS A 625 -19.29 19.92 -17.36
C LYS A 625 -19.93 18.64 -17.91
N LEU A 626 -19.51 17.49 -17.42
CA LEU A 626 -19.95 16.19 -17.99
C LEU A 626 -21.21 15.63 -17.33
N GLY A 627 -21.36 15.90 -16.04
CA GLY A 627 -22.48 15.36 -15.26
C GLY A 627 -22.15 13.98 -14.73
N LEU A 628 -23.14 13.10 -14.75
CA LEU A 628 -22.91 11.72 -14.39
C LEU A 628 -22.06 11.15 -15.50
N LEU A 629 -20.97 10.47 -15.15
CA LEU A 629 -20.03 9.97 -16.14
C LEU A 629 -20.50 8.64 -16.70
N SER A 630 -20.26 8.44 -17.99
CA SER A 630 -20.52 7.15 -18.63
C SER A 630 -19.46 6.12 -18.17
N LYS A 631 -19.60 4.88 -18.63
CA LYS A 631 -18.62 3.84 -18.26
C LYS A 631 -17.21 4.26 -18.71
N PRO A 632 -17.03 4.61 -19.99
CA PRO A 632 -15.67 4.94 -20.45
C PRO A 632 -15.04 6.14 -19.76
N GLN A 633 -15.85 7.09 -19.36
CA GLN A 633 -15.34 8.29 -18.69
C GLN A 633 -14.90 7.98 -17.26
N ALA A 634 -15.73 7.24 -16.53
CA ALA A 634 -15.40 6.80 -15.17
C ALA A 634 -14.19 5.85 -15.13
N GLN A 635 -14.11 4.97 -16.12
CA GLN A 635 -12.93 4.13 -16.29
C GLN A 635 -11.67 4.99 -16.33
N PHE A 636 -11.68 6.01 -17.19
CA PHE A 636 -10.50 6.82 -17.43
C PHE A 636 -10.02 7.51 -16.16
N TYR A 637 -10.93 8.16 -15.44
CA TYR A 637 -10.54 8.92 -14.26
C TYR A 637 -10.22 8.02 -13.07
N LEU A 638 -11.04 7.00 -12.83
CA LEU A 638 -10.79 6.07 -11.73
C LEU A 638 -9.54 5.24 -12.02
N GLY A 639 -9.40 4.80 -13.27
CA GLY A 639 -8.19 4.13 -13.72
C GLY A 639 -6.94 4.97 -13.51
N SER A 640 -6.99 6.24 -13.91
CA SER A 640 -5.89 7.15 -13.71
C SER A 640 -5.56 7.29 -12.22
N ILE A 641 -6.58 7.44 -11.39
CA ILE A 641 -6.37 7.59 -9.94
C ILE A 641 -5.79 6.31 -9.36
N ILE A 642 -6.29 5.18 -9.84
CA ILE A 642 -5.79 3.87 -9.41
C ILE A 642 -4.28 3.75 -9.63
N LEU A 643 -3.79 4.19 -10.79
CA LEU A 643 -2.35 4.07 -11.09
C LEU A 643 -1.48 4.91 -10.13
N ALA A 644 -1.91 6.12 -9.82
CA ALA A 644 -1.23 6.97 -8.85
C ALA A 644 -1.22 6.37 -7.45
N ILE A 645 -2.34 5.77 -7.05
CA ILE A 645 -2.47 5.21 -5.69
C ILE A 645 -1.61 3.95 -5.61
N GLU A 646 -1.70 3.10 -6.63
CA GLU A 646 -0.88 1.89 -6.74
C GLU A 646 0.59 2.25 -6.58
N TYR A 647 1.03 3.24 -7.35
CA TYR A 647 2.39 3.77 -7.26
C TYR A 647 2.77 4.07 -5.81
N LEU A 648 1.93 4.82 -5.11
CA LEU A 648 2.21 5.20 -3.72
C LEU A 648 2.24 3.98 -2.80
N HIS A 649 1.23 3.13 -2.89
CA HIS A 649 1.16 1.92 -2.05
C HIS A 649 2.40 1.00 -2.20
N GLU A 650 3.01 0.98 -3.38
CA GLU A 650 4.26 0.24 -3.63
C GLU A 650 5.44 0.86 -2.92
N ARG A 651 5.41 2.17 -2.72
CA ARG A 651 6.40 2.88 -1.91
C ARG A 651 6.04 2.85 -0.41
N ASN A 652 5.11 1.99 0.00
CA ASN A 652 4.59 1.95 1.37
C ASN A 652 4.02 3.28 1.90
N ILE A 653 3.47 4.09 1.02
CA ILE A 653 2.85 5.37 1.36
C ILE A 653 1.33 5.20 1.31
N VAL A 654 0.65 5.70 2.34
CA VAL A 654 -0.82 5.77 2.36
C VAL A 654 -1.20 7.24 2.21
N TYR A 655 -2.10 7.53 1.30
CA TYR A 655 -2.42 8.92 0.90
C TYR A 655 -3.37 9.60 1.89
N ARG A 656 -4.40 8.87 2.30
CA ARG A 656 -5.35 9.27 3.36
C ARG A 656 -6.34 10.42 3.10
N ASP A 657 -6.24 11.10 1.96
CA ASP A 657 -7.14 12.22 1.64
C ASP A 657 -7.62 12.20 0.18
N LEU A 658 -7.91 11.01 -0.34
CA LEU A 658 -8.35 10.91 -1.74
C LEU A 658 -9.78 11.46 -1.90
N LYS A 659 -9.90 12.46 -2.77
CA LYS A 659 -11.18 13.10 -3.11
C LYS A 659 -10.97 13.95 -4.36
N PRO A 660 -12.02 14.16 -5.17
CA PRO A 660 -11.82 14.99 -6.38
C PRO A 660 -11.21 16.38 -6.16
N GLU A 661 -11.45 17.01 -5.00
CA GLU A 661 -10.79 18.30 -4.68
C GLU A 661 -9.26 18.28 -4.86
N ASN A 662 -8.64 17.13 -4.62
CA ASN A 662 -7.19 16.97 -4.72
C ASN A 662 -6.65 16.38 -6.04
N ILE A 663 -7.40 16.56 -7.14
CA ILE A 663 -7.01 16.05 -8.45
C ILE A 663 -7.15 17.13 -9.51
N LEU A 664 -6.02 17.59 -10.02
CA LEU A 664 -5.98 18.52 -11.15
C LEU A 664 -5.99 17.75 -12.46
N LEU A 665 -6.16 18.48 -13.56
CA LEU A 665 -6.04 17.94 -14.91
C LEU A 665 -5.01 18.75 -15.70
N ASP A 666 -4.14 18.08 -16.44
CA ASP A 666 -3.15 18.76 -17.29
C ASP A 666 -3.80 19.18 -18.61
N LYS A 667 -3.05 19.89 -19.47
CA LYS A 667 -3.60 20.43 -20.73
C LYS A 667 -4.08 19.38 -21.73
N GLN A 668 -3.60 18.14 -21.58
CA GLN A 668 -4.01 17.02 -22.42
C GLN A 668 -5.18 16.21 -21.83
N GLY A 669 -5.69 16.61 -20.66
CA GLY A 669 -6.85 15.94 -20.03
C GLY A 669 -6.55 14.77 -19.09
N TYR A 670 -5.28 14.58 -18.71
CA TYR A 670 -4.86 13.49 -17.83
C TYR A 670 -4.69 14.04 -16.42
N VAL A 671 -4.87 13.19 -15.41
CA VAL A 671 -4.99 13.65 -14.03
C VAL A 671 -3.63 13.90 -13.38
N LYS A 672 -3.58 14.81 -12.40
CA LYS A 672 -2.41 14.99 -11.52
C LYS A 672 -2.92 15.08 -10.09
N LEU A 673 -2.47 14.16 -9.26
CA LEU A 673 -2.81 14.14 -7.84
C LEU A 673 -1.98 15.21 -7.13
N ILE A 674 -2.62 15.98 -6.25
CA ILE A 674 -1.93 17.02 -5.46
C ILE A 674 -2.25 16.88 -3.98
N ASP A 675 -1.55 17.65 -3.15
CA ASP A 675 -1.87 17.83 -1.73
C ASP A 675 -1.54 16.58 -0.92
N PHE A 676 -0.30 16.51 -0.45
CA PHE A 676 0.16 15.36 0.33
C PHE A 676 0.22 15.62 1.84
N GLY A 677 -0.61 16.54 2.32
CA GLY A 677 -0.69 16.90 3.75
C GLY A 677 -1.00 15.74 4.67
N CYS A 678 -1.98 14.91 4.28
CA CYS A 678 -2.36 13.72 5.07
C CYS A 678 -1.54 12.45 4.78
N ALA A 679 -0.64 12.49 3.79
CA ALA A 679 0.11 11.29 3.40
C ALA A 679 1.23 10.94 4.38
N LYS A 680 1.46 9.64 4.58
CA LYS A 680 2.46 9.13 5.53
C LYS A 680 3.02 7.78 5.05
N LYS A 681 4.30 7.54 5.33
CA LYS A 681 4.93 6.25 5.03
C LYS A 681 4.53 5.27 6.11
N ILE A 682 3.92 4.17 5.71
CA ILE A 682 3.30 3.24 6.65
C ILE A 682 4.38 2.42 7.34
N GLN A 683 4.24 2.28 8.66
CA GLN A 683 5.18 1.51 9.48
C GLN A 683 4.37 0.60 10.39
N GLY A 684 3.91 -0.52 9.81
CA GLY A 684 2.98 -1.42 10.47
C GLY A 684 1.55 -0.94 10.26
N ARG A 685 0.83 -0.76 11.37
CA ARG A 685 -0.53 -0.23 11.32
C ARG A 685 -0.51 1.25 11.70
N ALA A 686 -1.45 2.03 11.14
CA ALA A 686 -1.65 3.43 11.53
C ALA A 686 -2.97 3.59 12.30
N TYR A 687 -3.01 4.65 13.12
CA TYR A 687 -4.18 4.95 13.98
C TYR A 687 -4.65 6.40 13.96
N THR A 688 -3.75 7.36 13.74
CA THR A 688 -4.12 8.78 13.63
C THR A 688 -5.39 8.95 12.81
N LEU A 689 -6.33 9.75 13.33
CA LEU A 689 -7.57 10.01 12.64
C LEU A 689 -7.38 11.23 11.75
N VAL A 690 -7.27 10.97 10.44
CA VAL A 690 -6.96 11.97 9.44
C VAL A 690 -7.82 11.74 8.20
N GLY A 691 -8.12 12.80 7.47
CA GLY A 691 -8.87 12.71 6.20
C GLY A 691 -10.02 13.69 6.12
N THR A 692 -10.64 13.73 4.95
CA THR A 692 -11.93 14.41 4.75
C THR A 692 -13.04 13.39 5.08
N PRO A 693 -13.90 13.70 6.06
CA PRO A 693 -14.78 12.70 6.66
C PRO A 693 -15.70 11.93 5.70
N HIS A 694 -16.27 12.61 4.71
CA HIS A 694 -17.07 11.93 3.66
C HIS A 694 -16.33 10.80 2.92
N TYR A 695 -15.01 10.92 2.82
CA TYR A 695 -14.15 9.94 2.15
C TYR A 695 -13.40 8.98 3.09
N MET A 696 -13.58 9.12 4.41
CA MET A 696 -12.81 8.32 5.37
C MET A 696 -13.35 6.90 5.47
N ALA A 697 -12.43 5.95 5.62
CA ALA A 697 -12.79 4.54 5.71
C ALA A 697 -13.28 4.17 7.11
N PRO A 698 -14.24 3.22 7.21
CA PRO A 698 -14.72 2.76 8.51
C PRO A 698 -13.63 2.45 9.50
N GLU A 699 -12.58 1.75 9.05
CA GLU A 699 -11.50 1.30 9.95
C GLU A 699 -10.65 2.43 10.54
N VAL A 700 -10.61 3.58 9.87
CA VAL A 700 -9.94 4.78 10.41
C VAL A 700 -10.73 5.25 11.63
N ILE A 701 -12.05 5.36 11.44
CA ILE A 701 -12.99 5.88 12.45
C ILE A 701 -13.02 4.99 13.69
N LEU A 702 -13.08 3.68 13.49
CA LEU A 702 -13.17 2.70 14.60
C LEU A 702 -11.91 2.58 15.46
N GLY A 703 -10.80 3.20 15.06
CA GLY A 703 -9.61 3.30 15.91
C GLY A 703 -8.87 2.01 16.24
N LYS A 704 -9.18 0.92 15.55
CA LYS A 704 -8.54 -0.38 15.81
C LYS A 704 -7.40 -0.72 14.84
N GLY A 705 -7.01 0.22 13.98
CA GLY A 705 -5.88 0.04 13.06
C GLY A 705 -6.27 0.07 11.58
N TYR A 706 -5.47 0.77 10.78
CA TYR A 706 -5.63 0.75 9.33
C TYR A 706 -4.31 0.84 8.60
N GLY A 707 -4.34 0.54 7.31
CA GLY A 707 -3.19 0.68 6.42
C GLY A 707 -3.54 1.37 5.12
N CYS A 708 -2.81 1.00 4.08
CA CYS A 708 -3.04 1.52 2.73
C CYS A 708 -4.45 1.28 2.19
N THR A 709 -5.10 0.21 2.64
CA THR A 709 -6.45 -0.17 2.21
C THR A 709 -7.51 0.93 2.29
N VAL A 710 -7.28 1.95 3.14
CA VAL A 710 -8.22 3.08 3.25
C VAL A 710 -8.40 3.86 1.95
N ASP A 711 -7.32 3.99 1.17
CA ASP A 711 -7.38 4.71 -0.10
C ASP A 711 -8.25 4.00 -1.13
N ILE A 712 -8.42 2.69 -0.96
CA ILE A 712 -9.28 1.89 -1.84
C ILE A 712 -10.75 2.08 -1.48
N TRP A 713 -11.06 2.32 -0.21
CA TRP A 713 -12.40 2.78 0.18
C TRP A 713 -12.70 4.11 -0.55
N ALA A 714 -11.81 5.08 -0.41
CA ALA A 714 -11.97 6.36 -1.07
C ALA A 714 -12.17 6.23 -2.56
N LEU A 715 -11.48 5.30 -3.19
CA LEU A 715 -11.77 4.99 -4.60
C LEU A 715 -13.25 4.69 -4.80
N GLY A 716 -13.81 3.83 -3.95
CA GLY A 716 -15.24 3.51 -3.95
C GLY A 716 -16.14 4.72 -3.86
N VAL A 717 -15.83 5.63 -2.94
CA VAL A 717 -16.58 6.87 -2.81
C VAL A 717 -16.51 7.66 -4.12
N CYS A 718 -15.31 7.83 -4.64
CA CYS A 718 -15.09 8.60 -5.86
C CYS A 718 -15.92 8.05 -7.02
N LEU A 719 -15.92 6.73 -7.17
CA LEU A 719 -16.62 6.10 -8.30
C LEU A 719 -18.10 6.31 -8.15
N TYR A 720 -18.57 6.22 -6.90
CA TYR A 720 -19.97 6.47 -6.57
C TYR A 720 -20.38 7.88 -6.98
N GLU A 721 -19.61 8.90 -6.54
CA GLU A 721 -19.81 10.28 -7.03
C GLU A 721 -19.89 10.34 -8.56
N PHE A 722 -18.99 9.65 -9.25
CA PHE A 722 -18.92 9.76 -10.70
C PHE A 722 -20.17 9.20 -11.37
N ILE A 723 -20.58 8.00 -10.94
CA ILE A 723 -21.68 7.27 -11.58
C ILE A 723 -23.05 7.73 -11.04
N CYS A 724 -23.21 7.69 -9.72
CA CYS A 724 -24.49 7.94 -9.05
C CYS A 724 -24.80 9.44 -8.88
N GLY A 725 -23.78 10.20 -8.47
CA GLY A 725 -23.88 11.68 -8.38
C GLY A 725 -23.58 12.17 -6.98
N PRO A 726 -24.51 11.96 -6.05
CA PRO A 726 -24.23 12.32 -4.66
C PRO A 726 -23.22 11.36 -4.05
N LEU A 727 -22.73 11.70 -2.87
CA LEU A 727 -21.90 10.78 -2.10
C LEU A 727 -22.78 9.62 -1.61
N PRO A 728 -22.18 8.47 -1.33
CA PRO A 728 -22.94 7.31 -0.82
C PRO A 728 -23.24 7.35 0.68
N PHE A 729 -22.47 8.12 1.44
CA PHE A 729 -22.64 8.23 2.89
C PHE A 729 -22.61 9.69 3.32
N GLY A 730 -23.68 10.12 4.00
CA GLY A 730 -23.76 11.46 4.60
C GLY A 730 -23.81 12.60 3.59
N ASN A 731 -24.58 12.43 2.52
CA ASN A 731 -24.59 13.42 1.46
C ASN A 731 -25.20 14.73 1.91
N ASP A 732 -26.34 14.65 2.60
CA ASP A 732 -27.02 15.84 3.13
C ASP A 732 -26.35 16.36 4.39
N GLN A 733 -26.01 15.46 5.31
CA GLN A 733 -25.51 15.81 6.66
C GLN A 733 -24.31 16.77 6.70
N GLU A 734 -24.46 17.85 7.47
CA GLU A 734 -23.36 18.77 7.81
C GLU A 734 -22.63 18.33 9.07
N ASP A 735 -23.36 17.71 10.01
CA ASP A 735 -22.83 17.24 11.28
C ASP A 735 -21.80 16.10 11.10
N GLN A 736 -20.52 16.39 11.40
CA GLN A 736 -19.43 15.39 11.33
C GLN A 736 -19.82 14.04 11.94
N LEU A 737 -20.49 14.07 13.09
CA LEU A 737 -20.92 12.86 13.79
C LEU A 737 -21.84 11.99 12.93
N GLU A 738 -22.86 12.63 12.36
CA GLU A 738 -23.86 11.90 11.58
C GLU A 738 -23.32 11.39 10.23
N ILE A 739 -22.24 12.00 9.75
CA ILE A 739 -21.50 11.46 8.60
C ILE A 739 -20.82 10.15 8.98
N PHE A 740 -20.06 10.15 10.07
CA PHE A 740 -19.39 8.93 10.54
C PHE A 740 -20.37 7.79 10.85
N ARG A 741 -21.56 8.14 11.36
CA ARG A 741 -22.58 7.13 11.65
C ARG A 741 -23.11 6.48 10.37
N ASP A 742 -23.35 7.29 9.34
CA ASP A 742 -23.82 6.78 8.06
C ASP A 742 -22.73 5.91 7.41
N ILE A 743 -21.47 6.32 7.54
CA ILE A 743 -20.33 5.53 7.06
C ILE A 743 -20.29 4.16 7.75
N LEU A 744 -20.41 4.16 9.08
CA LEU A 744 -20.29 2.91 9.84
C LEU A 744 -21.49 1.95 9.71
N THR A 745 -22.70 2.50 9.80
CA THR A 745 -23.92 1.68 9.89
C THR A 745 -24.95 1.88 8.77
N GLY A 746 -24.85 2.97 8.00
CA GLY A 746 -25.85 3.29 6.99
C GLY A 746 -25.99 2.29 5.87
N GLN A 747 -27.11 2.33 5.16
CA GLN A 747 -27.35 1.42 4.04
C GLN A 747 -26.74 2.01 2.78
N LEU A 748 -25.96 1.21 2.07
CA LEU A 748 -25.49 1.59 0.75
C LEU A 748 -26.58 1.23 -0.26
N THR A 749 -27.10 2.25 -0.94
CA THR A 749 -28.10 2.07 -1.98
C THR A 749 -27.65 2.74 -3.28
N PHE A 750 -28.29 2.34 -4.38
CA PHE A 750 -27.98 2.85 -5.70
C PHE A 750 -29.27 3.33 -6.37
N PRO A 751 -29.26 4.55 -6.97
CA PRO A 751 -30.44 5.05 -7.69
C PRO A 751 -30.93 4.16 -8.83
N ASP A 752 -32.20 4.29 -9.18
CA ASP A 752 -32.78 3.53 -10.30
C ASP A 752 -32.12 3.79 -11.67
N TYR A 753 -31.64 5.03 -11.89
CA TYR A 753 -30.99 5.42 -13.16
C TYR A 753 -29.60 4.76 -13.43
N VAL A 754 -28.98 4.15 -12.40
CA VAL A 754 -27.75 3.35 -12.56
C VAL A 754 -28.10 1.96 -13.12
N SER A 755 -27.72 1.71 -14.36
CA SER A 755 -28.17 0.55 -15.12
C SER A 755 -27.09 -0.50 -15.37
N ASP A 756 -25.87 -0.25 -14.91
CA ASP A 756 -24.73 -1.13 -15.18
C ASP A 756 -24.40 -1.99 -13.96
N GLN A 757 -24.75 -3.28 -14.07
CA GLN A 757 -24.51 -4.27 -13.02
C GLN A 757 -23.04 -4.30 -12.55
N ASP A 758 -22.11 -4.23 -13.51
CA ASP A 758 -20.67 -4.32 -13.21
C ASP A 758 -20.18 -3.10 -12.41
N SER A 759 -20.72 -1.93 -12.73
CA SER A 759 -20.40 -0.71 -11.99
C SER A 759 -20.82 -0.83 -10.52
N ILE A 760 -21.99 -1.43 -10.31
CA ILE A 760 -22.56 -1.57 -8.97
C ILE A 760 -21.75 -2.57 -8.18
N ASN A 761 -21.47 -3.73 -8.79
CA ASN A 761 -20.60 -4.72 -8.18
C ASN A 761 -19.29 -4.11 -7.69
N LEU A 762 -18.62 -3.38 -8.58
CA LEU A 762 -17.34 -2.75 -8.23
C LEU A 762 -17.49 -1.74 -7.11
N MET A 763 -18.54 -0.90 -7.20
CA MET A 763 -18.81 0.08 -6.16
C MET A 763 -19.07 -0.56 -4.81
N LYS A 764 -19.87 -1.63 -4.77
CA LYS A 764 -20.16 -2.33 -3.50
C LYS A 764 -18.92 -2.95 -2.88
N ARG A 765 -18.05 -3.51 -3.72
CA ARG A 765 -16.84 -4.19 -3.24
C ARG A 765 -15.69 -3.23 -2.90
N LEU A 766 -15.63 -2.08 -3.55
CA LEU A 766 -14.75 -1.00 -3.08
C LEU A 766 -15.25 -0.43 -1.75
N LEU A 767 -16.58 -0.30 -1.61
CA LEU A 767 -17.20 0.22 -0.38
C LEU A 767 -17.60 -0.90 0.60
N CYS A 768 -16.82 -1.98 0.65
CA CYS A 768 -17.02 -3.05 1.65
C CYS A 768 -16.38 -2.61 2.96
N ARG A 769 -17.12 -2.66 4.05
CA ARG A 769 -16.65 -2.06 5.32
C ARG A 769 -15.41 -2.72 5.91
N LEU A 770 -15.40 -4.04 5.93
CA LEU A 770 -14.28 -4.80 6.48
C LEU A 770 -13.22 -4.97 5.39
N PRO A 771 -11.99 -4.45 5.62
CA PRO A 771 -10.91 -4.52 4.62
C PRO A 771 -10.62 -5.89 3.99
N GLN A 772 -10.70 -6.97 4.78
CA GLN A 772 -10.47 -8.33 4.26
C GLN A 772 -11.45 -8.78 3.14
N GLY A 773 -12.64 -8.19 3.06
CA GLY A 773 -13.59 -8.49 1.99
C GLY A 773 -13.62 -7.46 0.87
N ARG A 774 -12.69 -6.52 0.92
CA ARG A 774 -12.67 -5.38 0.02
C ARG A 774 -11.86 -5.71 -1.22
N ILE A 775 -12.41 -5.42 -2.40
CA ILE A 775 -11.69 -5.72 -3.64
C ILE A 775 -10.41 -4.89 -3.68
N GLY A 776 -9.32 -5.51 -4.13
CA GLY A 776 -8.00 -4.88 -4.14
C GLY A 776 -7.15 -4.94 -2.86
N CYS A 777 -7.62 -5.66 -1.83
CA CYS A 777 -6.92 -5.73 -0.54
C CYS A 777 -6.40 -7.12 -0.19
N SER A 778 -6.39 -8.02 -1.17
CA SER A 778 -5.83 -9.37 -1.04
C SER A 778 -4.37 -9.31 -1.47
N ILE A 779 -3.73 -10.47 -1.64
CA ILE A 779 -2.33 -10.52 -2.06
C ILE A 779 -2.11 -9.94 -3.46
N ASN A 780 -3.06 -10.19 -4.36
CA ASN A 780 -3.03 -9.66 -5.73
C ASN A 780 -3.05 -8.14 -5.83
N GLY A 781 -3.56 -7.45 -4.81
CA GLY A 781 -3.54 -5.98 -4.78
C GLY A 781 -4.46 -5.38 -5.83
N PHE A 782 -3.99 -4.36 -6.53
CA PHE A 782 -4.82 -3.71 -7.55
C PHE A 782 -5.18 -4.55 -8.76
N LYS A 783 -4.49 -5.68 -8.98
CA LYS A 783 -4.78 -6.54 -10.12
C LYS A 783 -6.26 -6.97 -10.16
N ASP A 784 -6.85 -7.21 -8.98
CA ASP A 784 -8.26 -7.62 -8.89
C ASP A 784 -9.22 -6.50 -9.28
N ILE A 785 -8.86 -5.25 -8.95
CA ILE A 785 -9.62 -4.10 -9.42
C ILE A 785 -9.43 -3.95 -10.93
N LYS A 786 -8.18 -3.97 -11.39
CA LYS A 786 -7.90 -3.75 -12.81
C LYS A 786 -8.56 -4.80 -13.71
N GLU A 787 -8.65 -6.04 -13.22
CA GLU A 787 -9.24 -7.17 -13.97
C GLU A 787 -10.73 -7.38 -13.66
N HIS A 788 -11.34 -6.47 -12.90
CA HIS A 788 -12.79 -6.45 -12.69
C HIS A 788 -13.54 -6.22 -14.00
N ALA A 789 -14.75 -6.79 -14.11
CA ALA A 789 -15.54 -6.70 -15.36
C ALA A 789 -15.87 -5.27 -15.81
N PHE A 790 -16.13 -4.38 -14.85
CA PHE A 790 -16.22 -2.92 -15.11
C PHE A 790 -15.14 -2.37 -16.04
N PHE A 791 -13.90 -2.82 -15.85
CA PHE A 791 -12.78 -2.44 -16.69
C PHE A 791 -12.52 -3.41 -17.87
N GLY A 792 -13.51 -4.23 -18.22
CA GLY A 792 -13.32 -5.33 -19.17
C GLY A 792 -12.83 -4.92 -20.55
N ASN A 793 -13.28 -3.75 -21.01
CA ASN A 793 -12.89 -3.23 -22.34
C ASN A 793 -11.81 -2.13 -22.30
N PHE A 794 -11.22 -1.92 -21.11
CA PHE A 794 -10.37 -0.77 -20.84
C PHE A 794 -8.92 -1.14 -20.94
N ASN A 795 -8.19 -0.38 -21.75
CA ASN A 795 -6.79 -0.63 -22.00
C ASN A 795 -5.88 0.12 -21.03
N TRP A 796 -5.48 -0.57 -19.96
CA TRP A 796 -4.58 -0.01 -18.96
C TRP A 796 -3.23 0.41 -19.53
N ASP A 797 -2.81 -0.28 -20.59
CA ASP A 797 -1.49 -0.06 -21.18
C ASP A 797 -1.47 1.28 -21.90
N LYS A 798 -2.53 1.57 -22.67
CA LYS A 798 -2.71 2.87 -23.32
C LYS A 798 -2.98 4.05 -22.36
N LEU A 799 -3.44 3.78 -21.15
CA LEU A 799 -3.71 4.83 -20.18
C LEU A 799 -2.43 5.52 -19.76
N ALA A 800 -1.50 4.72 -19.24
CA ALA A 800 -0.17 5.22 -18.81
C ALA A 800 0.61 5.88 -19.95
N GLY A 801 0.46 5.32 -21.15
CA GLY A 801 1.13 5.81 -22.35
C GLY A 801 0.57 7.05 -23.03
N ARG A 802 -0.51 7.61 -22.48
CA ARG A 802 -1.22 8.76 -23.08
C ARG A 802 -1.67 8.53 -24.52
N LEU A 803 -2.21 7.34 -24.75
CA LEU A 803 -2.72 6.95 -26.06
C LEU A 803 -4.25 6.86 -26.07
N LEU A 804 -4.90 7.31 -25.00
CA LEU A 804 -6.35 7.38 -24.94
C LEU A 804 -6.77 8.81 -25.11
N GLU A 805 -7.91 9.01 -25.75
CA GLU A 805 -8.52 10.33 -25.83
C GLU A 805 -9.33 10.50 -24.55
N PRO A 806 -8.96 11.45 -23.66
CA PRO A 806 -9.66 11.59 -22.39
C PRO A 806 -11.07 12.18 -22.53
N PRO A 807 -11.87 12.13 -21.45
CA PRO A 807 -13.24 12.63 -21.46
C PRO A 807 -13.37 14.10 -21.81
N LEU A 808 -12.44 14.93 -21.33
CA LEU A 808 -12.55 16.37 -21.49
C LEU A 808 -11.19 17.05 -21.69
N VAL A 809 -10.88 17.42 -22.94
CA VAL A 809 -9.70 18.23 -23.23
C VAL A 809 -10.04 19.68 -22.88
N SER A 810 -9.22 20.29 -22.03
CA SER A 810 -9.43 21.67 -21.60
C SER A 810 -9.02 22.62 -22.73
N LYS A 811 -10.01 23.33 -23.29
CA LYS A 811 -9.76 24.36 -24.30
C LYS A 811 -9.41 25.66 -23.59
N GLY A 812 -8.15 26.09 -23.71
CA GLY A 812 -7.63 27.24 -22.97
C GLY A 812 -7.39 26.95 -21.50
N GLU A 813 -6.60 27.82 -20.85
CA GLU A 813 -6.26 27.66 -19.43
C GLU A 813 -7.33 28.29 -18.53
N THR A 814 -8.03 27.43 -17.78
CA THR A 814 -9.03 27.84 -16.80
C THR A 814 -8.46 27.77 -15.38
N TYR A 815 -8.85 28.72 -14.53
CA TYR A 815 -8.36 28.82 -13.14
C TYR A 815 -9.52 29.07 -12.18
#